data_1O6C
#
_entry.id   1O6C
#
_cell.length_a   63.820
_cell.length_b   63.820
_cell.length_c   452.430
_cell.angle_alpha   90.00
_cell.angle_beta   90.00
_cell.angle_gamma   90.00
#
_symmetry.space_group_name_H-M   'P 43 21 2'
#
loop_
_entity.id
_entity.type
_entity.pdbx_description
1 polymer 'UDP-N-acetylglucosamine 2-epimerase'
2 water water
#
_entity_poly.entity_id   1
_entity_poly.type   'polypeptide(L)'
_entity_poly.pdbx_seq_one_letter_code
;(MSE)KKLKV(MSE)TVFGTRPEAIK(MSE)APLVLELKKYPEIDSYVTVTAQHRQ(MSE)LDQVLDAFHIKPDFDLNI
(MSE)KERQTLAEITSNALVRLDELFKDIKPDIVLVHGDTTTTFAGSLAAFYHQIAVGHVEAGLRTGNKYSPFPEELNRQ
(MSE)TGAIADLHFAPTGQAKDNLLKENKKADSIFVTGNTAIDALNTTVRDGYSHPVLDQVGEDK(MSE)ILLTAHRREN
LGEP(MSE)EN(MSE)FKAIRRIVGEFEDVQVVYPVHLNPVVREAAHKHFGDSDRVHLIEPLEVIDFHNFAAKSHFILTD
SGGVQEEAPSLGKPVLVLRDTTERPEGVEAGTLKLAGTDEENIYQLAKQLLTDPDEYKK(MSE)SQASNPYGDGEASRRI
VEELLFHYGYRKEQPDSFTGKGSHHHHHH
;
_entity_poly.pdbx_strand_id   A,B
#
# COMPACT_ATOMS: atom_id res chain seq x y z
N LYS A 2 27.17 2.54 17.87
CA LYS A 2 27.14 2.55 19.33
C LYS A 2 25.77 2.13 19.84
N LYS A 3 24.83 3.08 19.84
CA LYS A 3 23.49 2.76 20.34
C LYS A 3 22.48 2.78 19.20
N LEU A 4 21.46 1.96 19.29
CA LEU A 4 20.39 1.90 18.26
C LEU A 4 19.40 3.02 18.56
N LYS A 5 19.20 3.93 17.62
CA LYS A 5 18.31 5.07 17.81
C LYS A 5 16.86 4.67 17.53
N VAL A 6 15.98 4.68 18.54
CA VAL A 6 14.60 4.22 18.25
C VAL A 6 13.65 5.37 18.44
N MSE A 7 12.69 5.57 17.53
CA MSE A 7 11.75 6.68 17.72
C MSE A 7 10.29 6.24 17.73
O MSE A 7 9.81 5.65 16.77
CB MSE A 7 11.96 7.78 16.69
CG MSE A 7 11.20 9.07 17.08
SE MSE A 7 10.96 10.18 15.56
CE MSE A 7 12.64 11.10 15.48
N THR A 8 9.59 6.50 18.82
CA THR A 8 8.19 6.17 18.97
C THR A 8 7.36 7.36 18.49
N VAL A 9 6.27 7.14 17.76
CA VAL A 9 5.54 8.32 17.25
C VAL A 9 4.07 8.30 17.70
N PHE A 10 3.67 9.20 18.57
CA PHE A 10 2.34 9.31 19.14
C PHE A 10 1.44 10.26 18.35
N GLY A 11 0.13 10.26 18.66
CA GLY A 11 -0.78 11.17 17.99
C GLY A 11 -2.10 11.34 18.72
N THR A 12 -2.80 10.22 18.92
CA THR A 12 -4.09 10.18 19.59
C THR A 12 -3.88 9.65 21.01
N ARG A 13 -4.90 9.78 21.86
CA ARG A 13 -4.86 9.32 23.23
C ARG A 13 -4.88 7.81 23.30
N PRO A 14 -5.76 7.15 22.55
CA PRO A 14 -5.77 5.68 22.56
C PRO A 14 -4.40 5.13 22.21
N GLU A 15 -3.61 5.88 21.43
CA GLU A 15 -2.27 5.51 21.09
C GLU A 15 -1.29 5.77 22.23
N ALA A 16 -1.40 6.94 22.86
CA ALA A 16 -0.54 7.32 23.98
C ALA A 16 -0.50 6.22 25.03
N ILE A 17 -1.67 5.71 25.40
CA ILE A 17 -1.74 4.61 26.33
C ILE A 17 -1.02 3.42 25.72
N LYS A 18 -1.62 2.72 24.77
CA LYS A 18 -1.02 1.59 24.12
C LYS A 18 0.48 1.67 23.86
N MSE A 19 1.12 2.80 23.71
CA MSE A 19 2.51 2.99 23.43
C MSE A 19 3.35 3.43 24.61
O MSE A 19 4.60 3.37 24.61
CB MSE A 19 2.64 4.06 22.30
CG MSE A 19 2.27 3.66 20.91
SE MSE A 19 3.33 2.27 20.10
CE MSE A 19 4.29 3.27 18.80
N ALA A 20 2.71 3.86 25.70
CA ALA A 20 3.41 4.35 26.87
C ALA A 20 4.31 3.31 27.51
N PRO A 21 3.77 2.11 27.73
CA PRO A 21 4.54 1.02 28.33
C PRO A 21 5.80 0.72 27.52
N LEU A 22 5.65 0.74 26.19
CA LEU A 22 6.71 0.54 25.24
C LEU A 22 7.76 1.64 25.36
N VAL A 23 7.35 2.90 25.44
CA VAL A 23 8.33 3.98 25.61
C VAL A 23 9.11 3.81 26.90
N LEU A 24 8.50 3.21 27.91
CA LEU A 24 9.14 2.92 29.17
C LEU A 24 10.09 1.75 29.08
N GLU A 25 9.69 0.67 28.41
CA GLU A 25 10.56 -0.52 28.30
C GLU A 25 11.88 -0.13 27.62
N LEU A 26 11.73 0.72 26.59
CA LEU A 26 12.85 1.20 25.82
C LEU A 26 13.93 1.81 26.68
N LYS A 27 13.55 2.37 27.83
CA LYS A 27 14.43 3.02 28.76
C LYS A 27 15.33 2.09 29.54
N LYS A 28 14.92 0.87 29.81
CA LYS A 28 15.69 -0.08 30.57
C LYS A 28 16.87 -0.68 29.83
N TYR A 29 17.24 -0.25 28.63
CA TYR A 29 18.27 -0.92 27.82
C TYR A 29 19.33 0.03 27.33
N PRO A 30 20.58 -0.21 27.72
CA PRO A 30 21.70 0.63 27.40
C PRO A 30 22.02 0.78 25.93
N GLU A 31 21.67 -0.21 25.13
CA GLU A 31 21.88 -0.26 23.72
C GLU A 31 20.95 0.69 22.95
N ILE A 32 19.79 0.96 23.54
CA ILE A 32 18.80 1.78 22.89
C ILE A 32 18.89 3.23 23.33
N ASP A 33 18.56 4.11 22.41
CA ASP A 33 18.55 5.55 22.59
C ASP A 33 17.18 6.04 22.08
N SER A 34 16.19 5.95 22.92
CA SER A 34 14.81 6.22 22.69
C SER A 34 14.38 7.66 22.62
N TYR A 35 13.64 8.00 21.57
CA TYR A 35 13.08 9.32 21.37
C TYR A 35 11.55 9.18 21.27
N VAL A 36 10.83 10.17 21.72
CA VAL A 36 9.36 10.17 21.63
C VAL A 36 8.90 11.34 20.77
N THR A 37 8.13 11.05 19.73
CA THR A 37 7.61 12.09 18.84
C THR A 37 6.10 12.16 18.92
N VAL A 38 5.59 13.35 19.21
CA VAL A 38 4.14 13.53 19.32
C VAL A 38 3.58 14.22 18.08
N THR A 39 2.63 13.58 17.44
CA THR A 39 1.97 14.04 16.23
C THR A 39 0.53 14.41 16.50
N ALA A 40 0.32 15.28 17.48
CA ALA A 40 -1.06 15.64 17.85
C ALA A 40 -1.34 17.12 17.66
N GLN A 41 -2.59 17.46 17.34
CA GLN A 41 -2.90 18.88 17.17
C GLN A 41 -2.94 19.54 18.55
N HIS A 42 -3.94 19.11 19.32
CA HIS A 42 -4.11 19.64 20.67
C HIS A 42 -3.38 18.78 21.68
N ARG A 43 -2.18 19.24 22.05
CA ARG A 43 -1.34 18.57 23.01
C ARG A 43 -2.04 18.34 24.34
N GLN A 44 -3.03 19.18 24.65
CA GLN A 44 -3.89 19.06 25.80
C GLN A 44 -4.49 17.65 25.91
N MSE A 45 -4.55 16.92 24.80
CA MSE A 45 -5.04 15.58 24.73
C MSE A 45 -4.09 14.55 25.33
O MSE A 45 -4.54 13.67 26.08
N LEU A 46 -2.79 14.63 25.05
CA LEU A 46 -1.83 13.66 25.50
C LEU A 46 -1.13 13.95 26.81
N ASP A 47 -1.37 15.07 27.46
CA ASP A 47 -0.71 15.42 28.71
C ASP A 47 -1.02 14.44 29.84
N GLN A 48 -2.28 14.13 30.08
CA GLN A 48 -2.70 13.24 31.14
C GLN A 48 -1.86 11.97 31.21
N VAL A 49 -1.90 11.23 30.11
CA VAL A 49 -1.19 10.00 29.90
C VAL A 49 0.32 10.20 29.95
N LEU A 50 0.81 11.28 29.34
CA LEU A 50 2.25 11.52 29.35
C LEU A 50 2.79 11.72 30.75
N ASP A 51 1.97 12.24 31.64
CA ASP A 51 2.33 12.46 33.03
C ASP A 51 2.25 11.20 33.86
N ALA A 52 1.20 10.40 33.68
CA ALA A 52 1.02 9.13 34.32
C ALA A 52 2.24 8.22 34.13
N PHE A 53 2.92 8.36 32.99
CA PHE A 53 4.08 7.54 32.68
C PHE A 53 5.36 8.36 32.77
N HIS A 54 5.20 9.67 32.99
CA HIS A 54 6.35 10.55 33.13
C HIS A 54 7.17 10.60 31.86
N ILE A 55 6.46 10.66 30.74
CA ILE A 55 7.10 10.75 29.44
C ILE A 55 7.18 12.23 29.06
N LYS A 56 8.33 12.70 28.63
CA LYS A 56 8.49 14.08 28.20
C LYS A 56 9.01 14.09 26.76
N PRO A 57 8.10 14.25 25.80
CA PRO A 57 8.41 14.23 24.39
C PRO A 57 9.66 14.97 23.96
N ASP A 58 10.38 14.38 23.01
CA ASP A 58 11.55 15.02 22.41
C ASP A 58 11.10 15.97 21.32
N PHE A 59 10.17 15.54 20.46
CA PHE A 59 9.67 16.32 19.34
C PHE A 59 8.16 16.43 19.38
N ASP A 60 7.64 17.57 18.94
CA ASP A 60 6.21 17.83 18.94
C ASP A 60 5.74 18.50 17.66
N LEU A 61 5.03 17.77 16.80
CA LEU A 61 4.57 18.36 15.56
C LEU A 61 3.10 18.73 15.59
N ASN A 62 2.82 20.03 15.65
CA ASN A 62 1.41 20.48 15.59
C ASN A 62 0.89 19.95 14.24
N ILE A 63 -0.05 19.02 14.25
CA ILE A 63 -0.56 18.48 12.98
C ILE A 63 -2.09 18.53 13.01
N MSE A 64 -2.64 19.60 12.45
CA MSE A 64 -4.03 19.89 12.38
C MSE A 64 -4.88 18.84 11.69
O MSE A 64 -4.66 18.56 10.51
CB MSE A 64 -4.21 21.24 11.63
CG MSE A 64 -3.63 22.42 12.38
SE MSE A 64 -3.69 24.03 11.33
CE MSE A 64 -2.34 23.65 10.03
N LYS A 65 -5.91 18.35 12.35
CA LYS A 65 -6.82 17.35 11.80
C LYS A 65 -8.27 17.83 11.80
N GLU A 66 -8.49 19.01 12.38
CA GLU A 66 -9.79 19.63 12.50
C GLU A 66 -10.12 20.52 11.30
N ARG A 67 -11.34 20.39 10.79
CA ARG A 67 -11.80 21.15 9.64
C ARG A 67 -10.96 20.84 8.41
N GLN A 68 -10.42 19.63 8.32
CA GLN A 68 -9.54 19.27 7.20
C GLN A 68 -9.88 17.90 6.64
N THR A 69 -9.79 17.79 5.31
CA THR A 69 -10.06 16.55 4.61
C THR A 69 -8.99 15.49 4.85
N LEU A 70 -9.31 14.25 4.43
CA LEU A 70 -8.35 13.17 4.64
C LEU A 70 -7.04 13.41 3.91
N ALA A 71 -7.13 13.85 2.67
CA ALA A 71 -5.95 14.21 1.90
C ALA A 71 -5.14 15.28 2.62
N GLU A 72 -5.78 16.36 3.05
CA GLU A 72 -5.07 17.43 3.79
C GLU A 72 -4.36 16.86 5.02
N ILE A 73 -5.08 16.17 5.88
CA ILE A 73 -4.49 15.55 7.06
C ILE A 73 -3.26 14.74 6.65
N THR A 74 -3.48 13.81 5.70
CA THR A 74 -2.43 12.94 5.21
C THR A 74 -1.20 13.75 4.80
N SER A 75 -1.42 14.74 3.94
CA SER A 75 -0.30 15.55 3.47
C SER A 75 0.36 16.35 4.56
N ASN A 76 -0.42 16.98 5.44
CA ASN A 76 0.19 17.77 6.53
C ASN A 76 1.10 16.85 7.34
N ALA A 77 0.51 15.74 7.81
CA ALA A 77 1.23 14.72 8.56
C ALA A 77 2.50 14.25 7.83
N LEU A 78 2.41 14.07 6.52
CA LEU A 78 3.47 13.63 5.67
C LEU A 78 4.63 14.62 5.57
N VAL A 79 4.29 15.86 5.28
CA VAL A 79 5.28 16.94 5.14
C VAL A 79 5.99 17.29 6.43
N ARG A 80 5.28 17.31 7.55
CA ARG A 80 5.90 17.56 8.84
C ARG A 80 6.84 16.45 9.26
N LEU A 81 6.39 15.20 9.13
CA LEU A 81 7.23 14.07 9.51
C LEU A 81 8.44 13.94 8.63
N ASP A 82 8.26 14.18 7.33
CA ASP A 82 9.39 14.16 6.40
C ASP A 82 10.46 15.15 6.86
N GLU A 83 10.05 16.38 7.18
CA GLU A 83 10.99 17.40 7.64
C GLU A 83 11.61 17.07 8.99
N LEU A 84 10.99 16.21 9.78
CA LEU A 84 11.49 15.80 11.07
C LEU A 84 12.56 14.72 10.92
N PHE A 85 12.22 13.69 10.14
CA PHE A 85 13.17 12.59 9.87
C PHE A 85 14.37 13.13 9.11
N LYS A 86 14.18 14.24 8.42
CA LYS A 86 15.23 14.96 7.73
C LYS A 86 16.36 15.31 8.71
N ASP A 87 16.00 15.87 9.87
CA ASP A 87 16.93 16.26 10.90
C ASP A 87 17.45 15.14 11.78
N ILE A 88 16.52 14.43 12.45
CA ILE A 88 16.90 13.41 13.41
C ILE A 88 17.42 12.13 12.85
N LYS A 89 16.87 11.48 11.85
CA LYS A 89 17.44 10.25 11.33
C LYS A 89 17.56 9.10 12.33
N PRO A 90 16.46 8.61 12.88
CA PRO A 90 16.50 7.43 13.75
C PRO A 90 16.73 6.14 12.97
N ASP A 91 17.24 5.07 13.57
CA ASP A 91 17.45 3.83 12.84
C ASP A 91 16.11 3.14 12.53
N ILE A 92 15.25 3.04 13.52
CA ILE A 92 13.92 2.46 13.36
C ILE A 92 12.89 3.42 13.95
N VAL A 93 11.72 3.48 13.33
CA VAL A 93 10.60 4.28 13.76
C VAL A 93 9.45 3.34 14.16
N LEU A 94 9.04 3.44 15.42
CA LEU A 94 7.93 2.61 15.90
C LEU A 94 6.63 3.40 15.75
N VAL A 95 5.66 2.80 15.11
CA VAL A 95 4.36 3.32 14.74
C VAL A 95 3.25 2.40 15.20
N HIS A 96 2.10 2.95 15.60
CA HIS A 96 1.01 2.16 16.13
C HIS A 96 -0.31 2.24 15.41
N GLY A 97 -1.03 1.12 15.35
CA GLY A 97 -2.35 1.00 14.87
C GLY A 97 -2.67 1.30 13.44
N ASP A 98 -3.76 2.05 13.24
CA ASP A 98 -4.29 2.34 11.94
C ASP A 98 -4.70 3.77 11.73
N THR A 99 -4.16 4.67 12.54
CA THR A 99 -4.51 6.09 12.32
C THR A 99 -3.83 6.63 11.07
N THR A 100 -4.42 7.62 10.44
CA THR A 100 -3.85 8.28 9.27
C THR A 100 -2.40 8.70 9.46
N THR A 101 -2.08 9.31 10.58
CA THR A 101 -0.73 9.72 10.93
C THR A 101 0.17 8.51 11.02
N THR A 102 -0.34 7.42 11.60
CA THR A 102 0.47 6.17 11.64
C THR A 102 0.89 5.77 10.24
N PHE A 103 0.04 6.01 9.25
CA PHE A 103 0.40 5.69 7.89
C PHE A 103 1.39 6.74 7.36
N ALA A 104 1.05 8.02 7.45
CA ALA A 104 1.90 9.10 6.95
C ALA A 104 3.34 9.00 7.42
N GLY A 105 3.59 8.87 8.70
CA GLY A 105 4.94 8.73 9.25
C GLY A 105 5.63 7.49 8.73
N SER A 106 4.97 6.34 8.67
CA SER A 106 5.61 5.17 8.05
C SER A 106 6.06 5.48 6.63
N LEU A 107 5.19 6.14 5.86
CA LEU A 107 5.51 6.50 4.48
C LEU A 107 6.66 7.51 4.45
N ALA A 108 6.63 8.45 5.38
CA ALA A 108 7.63 9.50 5.47
C ALA A 108 8.97 8.89 5.86
N ALA A 109 8.90 7.90 6.74
CA ALA A 109 10.10 7.16 7.13
C ALA A 109 10.66 6.34 5.98
N PHE A 110 9.79 5.77 5.14
CA PHE A 110 10.21 4.98 4.00
C PHE A 110 10.97 5.82 2.98
N TYR A 111 10.52 7.05 2.78
CA TYR A 111 11.16 7.94 1.83
C TYR A 111 12.60 8.26 2.18
N HIS A 112 12.93 8.20 3.46
CA HIS A 112 14.28 8.42 3.94
C HIS A 112 14.93 7.07 4.21
N GLN A 113 14.23 6.00 3.92
CA GLN A 113 14.72 4.65 4.07
C GLN A 113 14.96 4.21 5.51
N ILE A 114 14.34 4.86 6.45
CA ILE A 114 14.35 4.55 7.86
C ILE A 114 13.47 3.32 8.09
N ALA A 115 13.88 2.45 9.02
CA ALA A 115 13.10 1.24 9.25
C ALA A 115 11.85 1.55 10.07
N VAL A 116 10.80 0.78 9.82
CA VAL A 116 9.52 0.96 10.52
C VAL A 116 9.08 -0.32 11.18
N GLY A 117 8.87 -0.25 12.47
CA GLY A 117 8.38 -1.40 13.27
C GLY A 117 6.89 -1.09 13.52
N HIS A 118 5.99 -1.97 13.17
CA HIS A 118 4.57 -1.73 13.32
C HIS A 118 3.94 -2.42 14.51
N VAL A 119 3.55 -1.66 15.51
CA VAL A 119 2.93 -2.16 16.74
C VAL A 119 1.43 -2.35 16.58
N GLU A 120 0.96 -3.52 16.97
CA GLU A 120 -0.46 -3.88 16.86
C GLU A 120 -0.72 -3.97 15.34
N ALA A 121 0.03 -4.88 14.74
CA ALA A 121 0.02 -5.16 13.33
C ALA A 121 -0.82 -6.40 13.05
N GLY A 122 -1.45 -6.49 11.91
CA GLY A 122 -2.24 -7.57 11.45
C GLY A 122 -3.72 -7.64 11.60
N LEU A 123 -4.40 -6.65 12.18
CA LEU A 123 -5.86 -6.67 12.33
C LEU A 123 -6.54 -6.34 11.02
N ARG A 124 -7.47 -7.16 10.58
CA ARG A 124 -8.14 -6.97 9.31
C ARG A 124 -9.63 -7.21 9.40
N THR A 125 -10.43 -6.34 8.76
CA THR A 125 -11.89 -6.51 8.73
C THR A 125 -12.25 -7.35 7.50
N GLY A 126 -11.43 -7.22 6.46
CA GLY A 126 -11.69 -7.88 5.20
C GLY A 126 -12.45 -6.93 4.27
N ASN A 127 -13.12 -5.96 4.85
CA ASN A 127 -13.92 -4.97 4.16
C ASN A 127 -13.12 -3.68 4.07
N LYS A 128 -13.02 -3.13 2.85
CA LYS A 128 -12.13 -1.97 2.68
C LYS A 128 -12.69 -0.67 3.13
N TYR A 129 -13.98 -0.64 3.50
CA TYR A 129 -14.59 0.62 3.94
C TYR A 129 -15.12 0.56 5.36
N SER A 130 -14.79 -0.51 6.09
CA SER A 130 -15.22 -0.66 7.47
C SER A 130 -14.19 -1.36 8.32
N PRO A 131 -13.45 -0.65 9.14
CA PRO A 131 -13.52 0.79 9.26
C PRO A 131 -12.76 1.55 8.20
N PHE A 132 -13.22 2.76 7.89
CA PHE A 132 -12.64 3.65 6.91
C PHE A 132 -12.17 4.96 7.51
N PRO A 133 -10.94 5.39 7.29
CA PRO A 133 -9.93 4.73 6.52
C PRO A 133 -9.03 3.76 7.27
N GLU A 134 -9.31 3.44 8.50
CA GLU A 134 -8.55 2.57 9.37
C GLU A 134 -8.01 1.32 8.72
N GLU A 135 -8.84 0.45 8.18
CA GLU A 135 -8.43 -0.79 7.55
C GLU A 135 -7.34 -0.59 6.52
N LEU A 136 -7.47 0.36 5.59
CA LEU A 136 -6.43 0.55 4.58
C LEU A 136 -5.16 1.15 5.15
N ASN A 137 -5.29 2.01 6.15
CA ASN A 137 -4.13 2.55 6.85
C ASN A 137 -3.26 1.40 7.38
N ARG A 138 -3.92 0.42 7.99
CA ARG A 138 -3.29 -0.79 8.47
C ARG A 138 -2.63 -1.57 7.32
N GLN A 139 -3.41 -1.67 6.25
CA GLN A 139 -2.94 -2.42 5.08
C GLN A 139 -1.76 -1.74 4.42
N MSE A 140 -1.81 -0.42 4.29
CA MSE A 140 -0.68 0.29 3.68
C MSE A 140 0.54 0.35 4.56
O MSE A 140 1.67 0.16 4.11
CB MSE A 140 -1.15 1.67 3.26
CG MSE A 140 -2.18 1.58 2.14
SE MSE A 140 -2.63 3.22 1.39
CE MSE A 140 -3.36 4.24 2.78
N THR A 141 0.38 0.54 5.88
CA THR A 141 1.49 0.52 6.81
C THR A 141 2.15 -0.83 6.85
N GLY A 142 1.38 -1.89 6.70
CA GLY A 142 1.95 -3.25 6.69
C GLY A 142 2.86 -3.38 5.49
N ALA A 143 2.48 -2.79 4.33
CA ALA A 143 3.33 -2.90 3.15
C ALA A 143 4.63 -2.16 3.36
N ILE A 144 4.68 -1.26 4.33
CA ILE A 144 5.94 -0.60 4.60
C ILE A 144 6.73 -1.26 5.72
N ALA A 145 6.06 -1.47 6.84
CA ALA A 145 6.65 -2.02 8.03
C ALA A 145 7.70 -3.11 7.74
N ASP A 146 8.86 -2.97 8.34
CA ASP A 146 9.93 -3.96 8.26
C ASP A 146 9.62 -5.09 9.25
N LEU A 147 9.22 -4.70 10.45
CA LEU A 147 8.88 -5.66 11.51
C LEU A 147 7.42 -5.58 11.88
N HIS A 148 6.73 -6.72 12.05
CA HIS A 148 5.30 -6.69 12.36
C HIS A 148 5.03 -7.24 13.75
N PHE A 149 4.56 -6.39 14.65
CA PHE A 149 4.30 -6.90 16.02
C PHE A 149 2.82 -7.23 16.17
N ALA A 150 2.48 -8.50 15.89
CA ALA A 150 1.10 -8.95 15.95
C ALA A 150 0.66 -9.19 17.40
N PRO A 151 -0.53 -8.73 17.74
CA PRO A 151 -1.03 -8.90 19.09
C PRO A 151 -1.46 -10.36 19.28
N THR A 152 -1.99 -10.95 18.21
CA THR A 152 -2.53 -12.30 18.31
C THR A 152 -2.19 -13.15 17.10
N GLY A 153 -2.06 -14.46 17.27
CA GLY A 153 -1.84 -15.40 16.20
C GLY A 153 -2.77 -15.16 15.02
N GLN A 154 -4.01 -14.76 15.23
CA GLN A 154 -4.93 -14.40 14.15
C GLN A 154 -4.25 -13.35 13.25
N ALA A 155 -3.79 -12.28 13.89
CA ALA A 155 -3.13 -11.18 13.20
C ALA A 155 -1.91 -11.66 12.45
N LYS A 156 -1.15 -12.60 13.02
CA LYS A 156 0.03 -13.16 12.35
C LYS A 156 -0.40 -14.02 11.15
N ASP A 157 -1.53 -14.69 11.28
CA ASP A 157 -2.07 -15.46 10.14
C ASP A 157 -2.41 -14.50 9.00
N ASN A 158 -3.11 -13.40 9.33
CA ASN A 158 -3.39 -12.42 8.29
C ASN A 158 -2.08 -11.98 7.63
N LEU A 159 -1.16 -11.42 8.40
CA LEU A 159 0.12 -11.02 7.84
C LEU A 159 0.71 -12.09 6.95
N LEU A 160 0.72 -13.35 7.40
CA LEU A 160 1.25 -14.44 6.60
C LEU A 160 0.48 -14.65 5.30
N LYS A 161 -0.84 -14.52 5.37
CA LYS A 161 -1.72 -14.70 4.22
C LYS A 161 -1.47 -13.65 3.14
N GLU A 162 -0.83 -12.55 3.50
CA GLU A 162 -0.51 -11.45 2.63
C GLU A 162 0.92 -11.53 2.10
N ASN A 163 1.58 -12.64 2.30
CA ASN A 163 2.89 -12.92 1.80
C ASN A 163 4.03 -12.23 2.50
N LYS A 164 3.85 -11.93 3.78
CA LYS A 164 4.93 -11.35 4.59
C LYS A 164 5.74 -12.48 5.20
N LYS A 165 7.05 -12.35 5.18
CA LYS A 165 7.91 -13.40 5.76
C LYS A 165 7.60 -13.63 7.24
N ALA A 166 7.42 -14.89 7.60
CA ALA A 166 7.23 -15.36 8.95
C ALA A 166 8.22 -14.77 9.97
N ASP A 167 9.46 -14.79 9.59
CA ASP A 167 10.64 -14.34 10.24
C ASP A 167 10.65 -12.87 10.60
N SER A 168 9.58 -12.15 10.36
CA SER A 168 9.44 -10.74 10.60
C SER A 168 8.12 -10.37 11.27
N ILE A 169 7.37 -11.36 11.69
CA ILE A 169 6.12 -11.24 12.39
C ILE A 169 6.25 -11.82 13.80
N PHE A 170 6.02 -11.04 14.82
CA PHE A 170 6.14 -11.55 16.19
C PHE A 170 4.83 -11.39 16.95
N VAL A 171 4.29 -12.49 17.46
CA VAL A 171 3.05 -12.42 18.25
C VAL A 171 3.42 -11.93 19.66
N THR A 172 2.96 -10.77 20.01
CA THR A 172 3.30 -10.03 21.20
C THR A 172 2.22 -9.96 22.25
N GLY A 173 0.96 -9.88 21.85
CA GLY A 173 -0.12 -9.70 22.84
C GLY A 173 -0.25 -8.16 22.89
N ASN A 174 -1.42 -7.65 23.09
CA ASN A 174 -1.70 -6.23 23.05
C ASN A 174 -1.00 -5.45 24.13
N THR A 175 -0.20 -4.46 23.75
CA THR A 175 0.45 -3.61 24.73
C THR A 175 -0.54 -2.94 25.67
N ALA A 176 -1.83 -2.89 25.34
CA ALA A 176 -2.86 -2.30 26.17
C ALA A 176 -2.78 -2.78 27.63
N ILE A 177 -2.81 -4.09 27.85
CA ILE A 177 -2.66 -4.67 29.17
C ILE A 177 -1.51 -4.01 29.93
N ASP A 178 -0.32 -4.00 29.33
CA ASP A 178 0.89 -3.38 29.81
C ASP A 178 0.60 -2.03 30.48
N ALA A 179 -0.20 -1.21 29.82
CA ALA A 179 -0.58 0.08 30.39
C ALA A 179 -1.20 -0.12 31.76
N LEU A 180 -2.12 -1.08 31.91
CA LEU A 180 -2.77 -1.33 33.18
C LEU A 180 -1.84 -1.28 34.37
N ASN A 181 -0.72 -1.98 34.32
CA ASN A 181 0.24 -2.07 35.40
C ASN A 181 0.89 -0.75 35.77
N THR A 182 0.42 0.37 35.26
CA THR A 182 0.95 1.69 35.55
C THR A 182 -0.21 2.64 35.84
N THR A 183 -1.32 2.41 35.15
CA THR A 183 -2.50 3.24 35.27
C THR A 183 -3.39 2.87 36.43
N VAL A 184 -3.47 1.57 36.75
CA VAL A 184 -4.38 1.12 37.80
C VAL A 184 -3.75 1.19 39.17
N ARG A 185 -4.02 2.29 39.89
CA ARG A 185 -3.53 2.41 41.25
C ARG A 185 -4.65 2.03 42.23
N ASP A 186 -4.31 1.90 43.51
CA ASP A 186 -5.30 1.53 44.52
C ASP A 186 -5.86 2.76 45.23
N GLY A 187 -4.99 3.73 45.47
CA GLY A 187 -5.37 4.97 46.12
C GLY A 187 -6.17 5.90 45.23
N TYR A 188 -6.80 5.40 44.17
CA TYR A 188 -7.61 6.23 43.29
C TYR A 188 -8.72 6.91 44.11
N SER A 189 -8.74 8.24 44.03
CA SER A 189 -9.72 9.01 44.75
C SER A 189 -10.79 9.59 43.83
N HIS A 190 -12.05 9.26 44.14
CA HIS A 190 -13.17 9.76 43.37
C HIS A 190 -14.47 9.61 44.16
N PRO A 191 -15.23 10.69 44.26
CA PRO A 191 -16.46 10.71 45.03
C PRO A 191 -17.49 9.72 44.53
N VAL A 192 -17.66 9.60 43.22
CA VAL A 192 -18.59 8.66 42.61
C VAL A 192 -18.29 7.22 43.04
N LEU A 193 -17.02 6.92 43.31
CA LEU A 193 -16.60 5.60 43.74
C LEU A 193 -16.76 5.43 45.25
N ASP A 194 -17.03 6.52 45.95
CA ASP A 194 -17.28 6.52 47.39
C ASP A 194 -18.78 6.31 47.63
N GLN A 195 -19.57 6.98 46.80
CA GLN A 195 -21.03 6.83 46.79
C GLN A 195 -21.40 5.37 46.55
N VAL A 196 -20.52 4.61 45.95
CA VAL A 196 -20.63 3.20 45.68
C VAL A 196 -20.15 2.38 46.88
N GLY A 197 -19.13 2.85 47.60
CA GLY A 197 -18.60 2.12 48.74
C GLY A 197 -18.25 0.69 48.42
N GLU A 198 -18.67 -0.28 49.26
CA GLU A 198 -18.35 -1.68 48.96
C GLU A 198 -19.50 -2.42 48.30
N ASP A 199 -20.38 -1.68 47.63
CA ASP A 199 -21.53 -2.30 46.97
C ASP A 199 -21.20 -2.70 45.55
N LYS A 200 -21.62 -3.86 45.09
CA LYS A 200 -21.36 -4.29 43.73
C LYS A 200 -21.56 -3.12 42.77
N MSE A 201 -20.49 -2.71 42.09
CA MSE A 201 -20.51 -1.60 41.15
C MSE A 201 -20.46 -2.13 39.72
O MSE A 201 -19.56 -2.89 39.37
CB MSE A 201 -19.33 -0.66 41.37
CG MSE A 201 -19.47 0.67 40.63
SE MSE A 201 -18.68 0.68 38.88
CE MSE A 201 -17.05 1.58 39.26
N ILE A 202 -21.40 -1.69 38.90
CA ILE A 202 -21.46 -2.13 37.51
C ILE A 202 -21.24 -0.98 36.56
N LEU A 203 -20.07 -0.98 35.90
CA LEU A 203 -19.68 0.07 34.98
C LEU A 203 -20.36 -0.07 33.62
N LEU A 204 -21.08 0.98 33.23
CA LEU A 204 -21.82 0.96 31.97
C LEU A 204 -21.15 1.87 30.95
N THR A 205 -21.05 1.40 29.71
CA THR A 205 -20.43 2.14 28.63
C THR A 205 -20.22 3.61 29.02
N MSE A 216 -32.47 0.42 21.89
CA MSE A 216 -31.31 1.07 22.50
C MSE A 216 -31.55 1.47 23.94
O MSE A 216 -30.68 1.33 24.81
N GLU A 217 -32.75 1.96 24.22
CA GLU A 217 -33.18 2.36 25.54
C GLU A 217 -33.60 1.14 26.36
N ASN A 218 -33.81 0.02 25.67
CA ASN A 218 -34.12 -1.26 26.30
C ASN A 218 -33.01 -1.59 27.32
N MSE A 219 -31.77 -1.26 26.97
CA MSE A 219 -30.65 -1.47 27.87
C MSE A 219 -30.90 -0.71 29.18
O MSE A 219 -30.89 -1.30 30.26
N PHE A 220 -31.27 0.56 29.06
CA PHE A 220 -31.56 1.39 30.22
C PHE A 220 -32.74 0.88 31.03
N LYS A 221 -33.69 0.25 30.35
CA LYS A 221 -34.86 -0.34 30.98
C LYS A 221 -34.49 -1.60 31.74
N ALA A 222 -33.63 -2.41 31.13
CA ALA A 222 -33.15 -3.64 31.72
C ALA A 222 -32.32 -3.40 32.99
N ILE A 223 -31.39 -2.46 32.92
CA ILE A 223 -30.53 -2.16 34.04
C ILE A 223 -31.28 -1.50 35.20
N ARG A 224 -32.00 -0.42 34.91
CA ARG A 224 -32.83 0.25 35.89
C ARG A 224 -33.55 -0.77 36.77
N ARG A 225 -34.23 -1.72 36.17
CA ARG A 225 -34.86 -2.81 36.90
C ARG A 225 -33.83 -3.44 37.84
N ILE A 226 -32.76 -4.01 37.28
CA ILE A 226 -31.67 -4.62 38.01
C ILE A 226 -31.27 -3.75 39.20
N VAL A 227 -31.21 -2.45 38.96
CA VAL A 227 -30.90 -1.51 40.01
C VAL A 227 -31.99 -1.60 41.07
N GLY A 228 -33.20 -1.28 40.63
CA GLY A 228 -34.38 -1.31 41.45
C GLY A 228 -34.61 -2.61 42.19
N GLU A 229 -34.12 -3.71 41.71
CA GLU A 229 -34.26 -5.01 42.34
C GLU A 229 -33.10 -5.37 43.26
N PHE A 230 -31.89 -4.95 42.92
CA PHE A 230 -30.71 -5.26 43.72
C PHE A 230 -30.18 -4.02 44.41
N GLU A 231 -30.69 -3.73 45.61
CA GLU A 231 -30.27 -2.59 46.38
C GLU A 231 -28.78 -2.57 46.66
N ASP A 232 -28.11 -3.73 46.63
CA ASP A 232 -26.68 -3.82 46.90
C ASP A 232 -25.81 -3.55 45.67
N VAL A 233 -26.42 -3.22 44.54
CA VAL A 233 -25.74 -2.94 43.30
C VAL A 233 -25.82 -1.48 42.92
N GLN A 234 -24.74 -0.96 42.31
CA GLN A 234 -24.74 0.42 41.84
C GLN A 234 -24.20 0.54 40.42
N VAL A 235 -24.68 1.53 39.68
CA VAL A 235 -24.29 1.76 38.32
C VAL A 235 -23.52 3.07 38.11
N VAL A 236 -22.27 2.92 37.66
CA VAL A 236 -21.45 4.08 37.29
C VAL A 236 -21.64 4.28 35.78
N TYR A 237 -21.78 5.54 35.35
CA TYR A 237 -22.05 5.73 33.92
C TYR A 237 -21.67 7.06 33.32
N PRO A 238 -20.63 7.04 32.49
CA PRO A 238 -20.19 8.20 31.74
C PRO A 238 -21.33 8.88 31.00
N PRO A 243 -29.44 13.19 22.06
CA PRO A 243 -30.48 12.18 21.97
C PRO A 243 -30.26 11.00 22.90
N VAL A 244 -29.00 10.75 23.25
CA VAL A 244 -28.63 9.65 24.14
C VAL A 244 -28.35 10.17 25.54
N VAL A 245 -27.75 11.36 25.59
CA VAL A 245 -27.47 11.99 26.90
C VAL A 245 -28.80 12.47 27.50
N ARG A 246 -29.81 12.56 26.65
CA ARG A 246 -31.15 12.93 26.98
C ARG A 246 -32.02 11.74 27.37
N GLU A 247 -32.07 10.71 26.54
CA GLU A 247 -32.86 9.51 26.78
C GLU A 247 -32.33 8.72 27.98
N ALA A 248 -31.01 8.78 28.16
CA ALA A 248 -30.37 8.14 29.29
C ALA A 248 -30.86 8.73 30.61
N ALA A 249 -30.88 10.05 30.69
CA ALA A 249 -31.31 10.79 31.86
C ALA A 249 -32.76 10.54 32.27
N HIS A 250 -33.60 10.13 31.33
CA HIS A 250 -34.99 9.81 31.60
C HIS A 250 -35.12 8.48 32.34
N LYS A 251 -34.57 7.42 31.75
CA LYS A 251 -34.62 6.10 32.37
C LYS A 251 -33.92 6.09 33.72
N HIS A 252 -32.83 6.85 33.82
CA HIS A 252 -32.08 6.98 35.05
C HIS A 252 -32.27 8.39 35.62
N ASP A 255 -33.00 10.56 38.75
CA ASP A 255 -33.90 10.21 39.83
C ASP A 255 -33.44 8.99 40.61
N SER A 256 -32.59 8.17 40.00
CA SER A 256 -32.07 6.97 40.66
C SER A 256 -30.90 7.35 41.57
N ASP A 257 -30.92 6.81 42.80
CA ASP A 257 -29.91 7.15 43.78
C ASP A 257 -28.68 6.27 43.70
N ARG A 258 -28.79 5.13 43.04
CA ARG A 258 -27.67 4.21 42.93
C ARG A 258 -27.20 4.02 41.50
N VAL A 259 -27.59 4.92 40.62
CA VAL A 259 -27.16 4.88 39.22
C VAL A 259 -26.56 6.24 38.86
N HIS A 260 -25.29 6.43 39.20
CA HIS A 260 -24.58 7.69 39.02
C HIS A 260 -24.28 8.05 37.58
N LEU A 261 -25.02 9.02 37.03
CA LEU A 261 -24.79 9.44 35.64
C LEU A 261 -23.72 10.53 35.61
N ILE A 262 -22.45 10.13 35.58
CA ILE A 262 -21.33 11.04 35.61
C ILE A 262 -20.88 11.53 34.25
N GLU A 263 -19.82 12.35 34.26
CA GLU A 263 -19.22 12.89 33.04
C GLU A 263 -18.21 11.90 32.48
N PRO A 264 -18.09 11.79 31.16
CA PRO A 264 -17.18 10.86 30.54
C PRO A 264 -15.82 10.81 31.20
N LEU A 265 -15.46 9.61 31.67
CA LEU A 265 -14.19 9.40 32.34
C LEU A 265 -13.07 9.28 31.29
N GLU A 266 -11.88 9.74 31.62
CA GLU A 266 -10.76 9.66 30.68
C GLU A 266 -9.99 8.37 30.92
N VAL A 267 -9.35 7.81 29.89
CA VAL A 267 -8.64 6.55 30.01
C VAL A 267 -8.09 6.24 31.38
N ILE A 268 -7.12 6.97 31.92
CA ILE A 268 -6.61 6.64 33.25
C ILE A 268 -7.74 6.46 34.24
N ASP A 269 -8.77 7.30 34.19
CA ASP A 269 -9.95 7.22 35.04
C ASP A 269 -10.75 5.94 34.76
N PHE A 270 -11.12 5.73 33.48
CA PHE A 270 -11.82 4.54 33.07
C PHE A 270 -11.20 3.28 33.64
N HIS A 271 -9.88 3.17 33.52
CA HIS A 271 -9.16 1.98 33.96
C HIS A 271 -9.40 1.72 35.45
N ASN A 272 -9.44 2.84 36.18
CA ASN A 272 -9.64 2.72 37.64
C ASN A 272 -11.05 2.28 37.95
N PHE A 273 -12.01 2.87 37.21
CA PHE A 273 -13.41 2.46 37.31
C PHE A 273 -13.56 0.99 36.91
N ALA A 274 -12.95 0.61 35.80
CA ALA A 274 -12.95 -0.79 35.37
C ALA A 274 -12.32 -1.68 36.43
N ALA A 275 -11.44 -1.11 37.24
CA ALA A 275 -10.73 -1.83 38.28
C ALA A 275 -11.61 -2.16 39.48
N LYS A 276 -12.21 -1.15 40.10
CA LYS A 276 -13.03 -1.38 41.27
C LYS A 276 -14.47 -1.77 40.98
N SER A 277 -14.78 -2.09 39.75
CA SER A 277 -16.09 -2.49 39.30
C SER A 277 -16.27 -4.00 39.37
N HIS A 278 -17.47 -4.42 39.70
CA HIS A 278 -17.83 -5.84 39.79
C HIS A 278 -17.82 -6.50 38.40
N PHE A 279 -18.48 -5.88 37.45
CA PHE A 279 -18.52 -6.32 36.07
C PHE A 279 -18.91 -5.14 35.19
N ILE A 280 -18.66 -5.16 33.89
CA ILE A 280 -18.96 -4.02 33.02
C ILE A 280 -19.88 -4.36 31.85
N LEU A 281 -20.72 -3.43 31.45
CA LEU A 281 -21.60 -3.62 30.29
C LEU A 281 -21.12 -2.65 29.18
N THR A 282 -20.94 -3.18 27.97
CA THR A 282 -20.45 -2.33 26.89
C THR A 282 -21.03 -2.69 25.53
N ASP A 283 -20.80 -1.81 24.55
CA ASP A 283 -21.27 -2.01 23.19
C ASP A 283 -20.10 -2.02 22.20
N GLY A 286 -13.27 -2.46 22.55
CA GLY A 286 -12.14 -1.71 23.14
C GLY A 286 -11.89 -2.21 24.56
N VAL A 287 -12.75 -1.78 25.48
CA VAL A 287 -12.79 -2.18 26.86
C VAL A 287 -12.72 -3.70 27.03
N GLN A 288 -13.21 -4.44 26.06
CA GLN A 288 -13.22 -5.86 25.95
C GLN A 288 -11.86 -6.52 25.89
N GLU A 289 -10.75 -5.78 26.00
CA GLU A 289 -9.41 -6.30 26.03
C GLU A 289 -8.68 -5.82 27.28
N GLU A 290 -8.99 -4.59 27.72
CA GLU A 290 -8.38 -4.05 28.93
C GLU A 290 -8.95 -4.75 30.17
N ALA A 291 -10.24 -4.56 30.44
CA ALA A 291 -10.92 -5.13 31.58
C ALA A 291 -10.66 -6.59 31.84
N PRO A 292 -10.73 -7.42 30.79
CA PRO A 292 -10.50 -8.84 30.87
C PRO A 292 -9.34 -9.26 31.75
N SER A 293 -8.22 -8.57 31.69
CA SER A 293 -7.04 -8.91 32.49
C SER A 293 -7.11 -8.31 33.88
N LEU A 294 -8.16 -7.52 34.14
CA LEU A 294 -8.43 -6.98 35.45
C LEU A 294 -9.44 -7.91 36.16
N GLY A 295 -9.75 -9.03 35.53
CA GLY A 295 -10.65 -10.04 36.01
C GLY A 295 -12.11 -9.64 36.06
N LYS A 296 -12.54 -8.71 35.23
CA LYS A 296 -13.92 -8.23 35.25
C LYS A 296 -14.73 -8.72 34.06
N PRO A 297 -15.79 -9.47 34.34
CA PRO A 297 -16.68 -9.99 33.31
C PRO A 297 -17.25 -8.87 32.46
N VAL A 298 -17.46 -9.11 31.17
CA VAL A 298 -17.99 -8.07 30.30
C VAL A 298 -19.08 -8.65 29.40
N LEU A 299 -20.28 -8.09 29.52
CA LEU A 299 -21.41 -8.49 28.67
C LEU A 299 -21.46 -7.50 27.49
N VAL A 300 -21.22 -8.01 26.30
CA VAL A 300 -21.19 -7.20 25.09
C VAL A 300 -22.60 -7.08 24.51
N LEU A 301 -22.97 -5.86 24.15
CA LEU A 301 -24.31 -5.62 23.58
C LEU A 301 -24.27 -5.57 22.06
N ARG A 302 -24.14 -6.73 21.43
CA ARG A 302 -24.08 -6.84 19.96
C ARG A 302 -24.40 -8.27 19.56
N ASP A 303 -24.90 -8.56 18.37
CA ASP A 303 -25.16 -9.97 18.01
C ASP A 303 -23.87 -10.56 17.43
N THR A 304 -23.15 -9.68 16.73
CA THR A 304 -21.89 -10.03 16.11
C THR A 304 -20.76 -9.15 16.69
N THR A 305 -19.77 -9.83 17.23
CA THR A 305 -18.61 -9.13 17.80
C THR A 305 -17.34 -9.59 17.09
N GLU A 306 -17.16 -9.10 15.87
CA GLU A 306 -16.03 -9.41 15.02
C GLU A 306 -15.16 -10.54 15.54
N GLY A 310 -12.69 -12.40 24.10
CA GLY A 310 -12.95 -13.34 25.18
C GLY A 310 -14.26 -14.07 24.96
N VAL A 311 -14.86 -13.83 23.79
CA VAL A 311 -16.13 -14.45 23.41
C VAL A 311 -16.05 -15.96 23.27
N GLU A 312 -14.89 -16.54 23.45
CA GLU A 312 -14.59 -17.94 23.38
C GLU A 312 -13.64 -18.34 24.51
N ALA A 313 -13.05 -17.35 25.18
CA ALA A 313 -12.16 -17.64 26.31
C ALA A 313 -12.97 -17.65 27.61
N GLY A 314 -14.12 -16.98 27.56
CA GLY A 314 -15.00 -16.87 28.73
C GLY A 314 -14.77 -15.51 29.39
N THR A 315 -14.11 -14.61 28.67
CA THR A 315 -13.80 -13.28 29.19
C THR A 315 -14.78 -12.22 28.73
N LEU A 316 -15.67 -12.57 27.81
CA LEU A 316 -16.66 -11.61 27.32
C LEU A 316 -17.91 -12.35 26.86
N LYS A 317 -18.99 -12.23 27.62
CA LYS A 317 -20.23 -12.91 27.24
C LYS A 317 -21.03 -12.03 26.29
N LEU A 318 -21.88 -12.66 25.48
CA LEU A 318 -22.66 -11.94 24.50
C LEU A 318 -24.08 -11.63 24.89
N ALA A 319 -24.34 -10.34 25.07
CA ALA A 319 -25.69 -9.86 25.37
C ALA A 319 -26.35 -9.46 24.06
N GLY A 320 -27.58 -8.96 24.09
CA GLY A 320 -28.25 -8.58 22.85
C GLY A 320 -28.68 -7.13 22.85
N THR A 321 -29.97 -6.90 22.68
CA THR A 321 -30.57 -5.58 22.66
C THR A 321 -31.89 -5.65 23.43
N ASP A 322 -32.30 -6.88 23.72
CA ASP A 322 -33.53 -7.17 24.43
C ASP A 322 -33.44 -6.95 25.93
N GLU A 323 -34.58 -6.55 26.50
CA GLU A 323 -34.65 -6.35 27.94
C GLU A 323 -34.42 -7.67 28.68
N GLU A 324 -35.25 -8.66 28.36
CA GLU A 324 -35.13 -9.97 28.97
C GLU A 324 -33.71 -10.48 28.97
N ASN A 325 -33.11 -10.63 27.79
CA ASN A 325 -31.76 -11.16 27.65
C ASN A 325 -30.77 -10.39 28.51
N ILE A 326 -30.71 -9.08 28.30
CA ILE A 326 -29.80 -8.22 29.08
C ILE A 326 -30.04 -8.40 30.57
N TYR A 327 -31.29 -8.33 30.99
CA TYR A 327 -31.70 -8.52 32.36
C TYR A 327 -31.31 -9.90 32.87
N GLN A 328 -31.69 -10.97 32.19
CA GLN A 328 -31.35 -12.32 32.62
C GLN A 328 -29.84 -12.52 32.79
N LEU A 329 -29.10 -12.07 31.79
CA LEU A 329 -27.65 -12.17 31.76
C LEU A 329 -26.96 -11.35 32.84
N ALA A 330 -27.38 -10.08 32.94
CA ALA A 330 -26.85 -9.18 33.97
C ALA A 330 -27.22 -9.74 35.34
N LYS A 331 -28.44 -10.28 35.41
CA LYS A 331 -28.96 -10.90 36.60
C LYS A 331 -28.12 -12.11 37.00
N GLN A 332 -27.80 -12.97 36.03
CA GLN A 332 -27.01 -14.16 36.26
C GLN A 332 -25.68 -13.89 36.95
N LEU A 333 -25.00 -12.82 36.58
CA LEU A 333 -23.71 -12.48 37.18
C LEU A 333 -23.79 -12.14 38.66
N LEU A 334 -24.88 -11.50 39.05
CA LEU A 334 -25.09 -11.09 40.44
C LEU A 334 -25.47 -12.26 41.33
N THR A 335 -26.31 -13.14 40.83
CA THR A 335 -26.78 -14.30 41.58
C THR A 335 -25.80 -15.44 41.56
N ASP A 336 -25.69 -16.15 40.47
CA ASP A 336 -24.76 -17.26 40.26
C ASP A 336 -23.35 -16.98 40.72
N PRO A 337 -22.83 -17.43 41.83
CA PRO A 337 -21.43 -17.12 42.15
C PRO A 337 -20.44 -17.80 41.21
N ASP A 338 -20.72 -19.00 40.75
CA ASP A 338 -19.85 -19.76 39.87
C ASP A 338 -19.63 -19.19 38.50
N GLU A 339 -20.70 -18.91 37.75
CA GLU A 339 -20.57 -18.32 36.41
C GLU A 339 -19.88 -16.97 36.46
N TYR A 340 -20.08 -16.23 37.55
CA TYR A 340 -19.42 -14.94 37.73
C TYR A 340 -17.91 -15.17 37.84
N LYS A 341 -17.55 -16.10 38.73
CA LYS A 341 -16.15 -16.48 38.94
C LYS A 341 -15.53 -17.06 37.67
N LYS A 342 -16.35 -17.65 36.79
CA LYS A 342 -15.87 -18.17 35.53
C LYS A 342 -15.28 -17.04 34.67
N MSE A 343 -15.93 -15.88 34.65
CA MSE A 343 -15.45 -14.74 33.87
C MSE A 343 -14.39 -13.94 34.61
O MSE A 343 -13.65 -13.18 33.98
CB MSE A 343 -16.59 -13.84 33.43
CG MSE A 343 -17.98 -14.42 33.46
SE MSE A 343 -19.03 -14.09 31.94
CE MSE A 343 -19.25 -12.21 31.89
N SER A 344 -14.27 -14.13 35.91
CA SER A 344 -13.30 -13.43 36.73
C SER A 344 -11.97 -14.17 36.81
N GLN A 345 -12.00 -15.45 36.43
CA GLN A 345 -10.81 -16.28 36.46
C GLN A 345 -10.26 -16.50 35.05
N ALA A 346 -11.12 -16.27 34.05
CA ALA A 346 -10.71 -16.44 32.65
C ALA A 346 -9.56 -15.52 32.29
N SER A 347 -8.38 -16.08 32.03
CA SER A 347 -7.20 -15.30 31.68
C SER A 347 -7.34 -14.65 30.30
N ASN A 348 -6.95 -13.37 30.21
CA ASN A 348 -7.05 -12.59 29.00
C ASN A 348 -6.22 -13.14 27.86
N PRO A 349 -6.86 -13.37 26.72
CA PRO A 349 -6.22 -13.85 25.52
C PRO A 349 -5.37 -12.82 24.80
N TYR A 350 -5.60 -11.52 25.04
CA TYR A 350 -4.81 -10.52 24.36
C TYR A 350 -3.59 -10.07 25.12
N GLY A 351 -3.49 -10.29 26.44
CA GLY A 351 -2.29 -9.71 27.05
C GLY A 351 -1.83 -10.41 28.27
N ASP A 352 -0.50 -10.51 28.40
CA ASP A 352 0.00 -11.03 29.68
C ASP A 352 0.90 -9.95 30.27
N GLY A 353 0.74 -8.72 29.76
CA GLY A 353 1.41 -7.55 30.20
C GLY A 353 2.88 -7.50 29.94
N GLU A 354 3.41 -8.41 29.12
CA GLU A 354 4.85 -8.40 28.85
C GLU A 354 5.10 -8.18 27.36
N ALA A 355 4.22 -7.40 26.73
CA ALA A 355 4.32 -7.11 25.32
C ALA A 355 5.39 -6.08 24.97
N SER A 356 5.39 -4.91 25.59
CA SER A 356 6.45 -3.95 25.29
C SER A 356 7.84 -4.60 25.28
N ARG A 357 8.09 -5.38 26.34
CA ARG A 357 9.34 -6.04 26.53
C ARG A 357 9.70 -7.04 25.47
N ARG A 358 8.78 -7.88 25.04
CA ARG A 358 9.01 -8.85 23.99
C ARG A 358 9.31 -8.10 22.68
N ILE A 359 8.80 -6.88 22.57
CA ILE A 359 8.99 -6.01 21.43
C ILE A 359 10.43 -5.49 21.47
N VAL A 360 10.87 -4.89 22.57
CA VAL A 360 12.24 -4.34 22.62
C VAL A 360 13.24 -5.46 22.56
N GLU A 361 12.92 -6.61 23.17
CA GLU A 361 13.82 -7.77 23.12
C GLU A 361 13.94 -8.27 21.68
N GLU A 362 12.90 -8.11 20.87
CA GLU A 362 12.93 -8.48 19.47
C GLU A 362 13.78 -7.52 18.66
N LEU A 363 13.60 -6.22 18.92
CA LEU A 363 14.41 -5.24 18.20
C LEU A 363 15.89 -5.57 18.36
N LEU A 364 16.34 -5.65 19.60
CA LEU A 364 17.71 -5.96 19.99
C LEU A 364 18.21 -7.23 19.33
N PHE A 365 17.41 -8.28 19.30
CA PHE A 365 17.82 -9.50 18.61
C PHE A 365 17.89 -9.23 17.09
N HIS A 366 16.83 -8.63 16.55
CA HIS A 366 16.81 -8.30 15.14
C HIS A 366 18.07 -7.56 14.71
N TYR A 367 18.35 -6.43 15.35
CA TYR A 367 19.45 -5.57 15.03
C TYR A 367 20.78 -6.07 15.54
N GLY A 368 20.84 -7.34 15.90
CA GLY A 368 21.99 -8.04 16.33
C GLY A 368 22.67 -7.52 17.57
N TYR A 369 21.93 -7.00 18.54
CA TYR A 369 22.52 -6.57 19.79
C TYR A 369 22.55 -7.73 20.77
N ARG A 370 21.61 -8.65 20.69
CA ARG A 370 21.54 -9.80 21.59
C ARG A 370 21.33 -11.09 20.84
N LYS A 371 21.82 -12.20 21.38
CA LYS A 371 21.80 -13.47 20.68
C LYS A 371 20.50 -14.24 20.75
N GLU A 372 19.73 -14.10 21.81
CA GLU A 372 18.49 -14.85 21.95
C GLU A 372 17.26 -13.98 21.70
N GLN A 373 16.28 -14.53 20.98
CA GLN A 373 15.04 -13.77 20.76
C GLN A 373 13.97 -14.26 21.70
N PRO A 374 13.09 -13.37 22.11
CA PRO A 374 12.02 -13.69 23.04
C PRO A 374 11.08 -14.75 22.48
N ASP A 375 10.13 -15.13 23.32
CA ASP A 375 9.17 -16.16 22.89
C ASP A 375 7.85 -15.48 22.52
N SER A 376 7.28 -15.87 21.39
CA SER A 376 6.01 -15.23 21.00
C SER A 376 4.96 -15.49 22.07
N PHE A 377 4.14 -14.51 22.39
CA PHE A 377 3.08 -14.67 23.38
C PHE A 377 2.02 -15.66 22.91
N THR A 378 1.62 -16.58 23.80
CA THR A 378 0.64 -17.60 23.46
C THR A 378 -0.53 -17.59 24.43
N MSE B 1 -30.19 3.15 -20.13
CA MSE B 1 -29.32 2.82 -19.04
C MSE B 1 -28.60 4.02 -18.47
O MSE B 1 -28.78 5.17 -18.86
CB MSE B 1 -28.28 1.79 -19.52
CG MSE B 1 -27.71 2.10 -20.88
SE MSE B 1 -26.18 3.27 -20.83
CE MSE B 1 -24.83 2.06 -20.35
N LYS B 2 -27.70 3.72 -17.51
CA LYS B 2 -26.84 4.72 -16.92
C LYS B 2 -25.38 4.53 -17.33
N LYS B 3 -24.78 5.53 -17.98
CA LYS B 3 -23.39 5.38 -18.42
C LYS B 3 -22.48 5.32 -17.21
N LEU B 4 -21.33 4.73 -17.35
CA LEU B 4 -20.31 4.59 -16.34
C LEU B 4 -19.28 5.69 -16.47
N LYS B 5 -19.10 6.49 -15.41
CA LYS B 5 -18.11 7.57 -15.46
C LYS B 5 -16.73 7.00 -15.23
N VAL B 6 -15.92 6.94 -16.32
CA VAL B 6 -14.60 6.33 -16.16
C VAL B 6 -13.52 7.37 -16.36
N MSE B 7 -12.55 7.43 -15.46
CA MSE B 7 -11.46 8.36 -15.64
C MSE B 7 -10.13 7.68 -15.88
O MSE B 7 -9.80 6.65 -15.26
CB MSE B 7 -11.36 9.28 -14.42
CG MSE B 7 -10.19 10.26 -14.60
SE MSE B 7 -10.34 11.71 -13.39
CE MSE B 7 -11.47 12.88 -14.42
N THR B 8 -9.31 8.17 -16.80
CA THR B 8 -7.98 7.56 -16.99
C THR B 8 -7.01 8.63 -16.50
N VAL B 9 -6.03 8.23 -15.71
CA VAL B 9 -5.09 9.21 -15.12
C VAL B 9 -3.65 8.84 -15.44
N PHE B 10 -2.93 9.71 -16.14
CA PHE B 10 -1.53 9.41 -16.47
C PHE B 10 -0.76 10.69 -16.69
N GLY B 11 0.57 10.68 -16.57
CA GLY B 11 1.36 11.86 -16.74
C GLY B 11 2.79 11.67 -17.14
N THR B 12 3.18 10.55 -17.75
CA THR B 12 4.55 10.46 -18.23
C THR B 12 4.47 9.94 -19.67
N ARG B 13 5.62 9.96 -20.37
CA ARG B 13 5.52 9.47 -21.75
C ARG B 13 5.33 7.99 -21.81
N PRO B 14 5.98 7.25 -20.92
CA PRO B 14 5.80 5.78 -20.90
C PRO B 14 4.41 5.42 -20.45
N GLU B 15 3.78 6.14 -19.53
CA GLU B 15 2.39 5.76 -19.16
C GLU B 15 1.48 6.08 -20.36
N ALA B 16 1.71 7.21 -21.00
CA ALA B 16 0.93 7.62 -22.15
C ALA B 16 0.89 6.55 -23.22
N ILE B 17 2.02 6.00 -23.62
CA ILE B 17 2.02 4.93 -24.60
C ILE B 17 1.19 3.75 -24.13
N LYS B 18 1.14 3.48 -22.85
CA LYS B 18 0.44 2.37 -22.27
C LYS B 18 -1.03 2.62 -21.94
N MSE B 19 -1.46 3.84 -21.73
CA MSE B 19 -2.81 4.20 -21.41
C MSE B 19 -3.59 4.78 -22.57
O MSE B 19 -4.83 4.64 -22.68
CB MSE B 19 -2.79 5.17 -20.21
CG MSE B 19 -2.30 4.55 -18.92
SE MSE B 19 -3.54 3.29 -18.21
CE MSE B 19 -4.52 4.29 -16.94
N ALA B 20 -2.90 5.36 -23.54
CA ALA B 20 -3.60 5.95 -24.70
C ALA B 20 -4.46 4.89 -25.40
N PRO B 21 -3.93 3.69 -25.61
CA PRO B 21 -4.71 2.61 -26.21
C PRO B 21 -5.95 2.31 -25.39
N LEU B 22 -5.89 2.45 -24.07
CA LEU B 22 -7.06 2.19 -23.23
C LEU B 22 -8.11 3.30 -23.37
N VAL B 23 -7.61 4.53 -23.57
CA VAL B 23 -8.41 5.72 -23.73
C VAL B 23 -9.23 5.61 -24.99
N LEU B 24 -8.64 5.08 -26.04
CA LEU B 24 -9.36 4.84 -27.29
C LEU B 24 -10.40 3.74 -27.15
N GLU B 25 -10.09 2.61 -26.51
CA GLU B 25 -11.14 1.60 -26.36
C GLU B 25 -12.38 2.22 -25.67
N LEU B 26 -12.15 2.86 -24.52
CA LEU B 26 -13.25 3.43 -23.79
C LEU B 26 -14.15 4.26 -24.68
N LYS B 27 -13.59 5.07 -25.58
CA LYS B 27 -14.43 5.87 -26.47
C LYS B 27 -15.24 5.09 -27.46
N LYS B 28 -15.21 3.79 -27.50
CA LYS B 28 -15.91 2.95 -28.43
C LYS B 28 -17.18 2.33 -27.88
N TYR B 29 -17.50 2.55 -26.63
CA TYR B 29 -18.64 2.00 -25.97
C TYR B 29 -19.55 3.08 -25.44
N PRO B 30 -20.73 3.24 -26.01
CA PRO B 30 -21.71 4.22 -25.56
C PRO B 30 -22.12 3.99 -24.14
N GLU B 31 -21.96 2.77 -23.65
CA GLU B 31 -22.25 2.42 -22.28
C GLU B 31 -21.36 3.21 -21.33
N ILE B 32 -20.22 3.69 -21.79
CA ILE B 32 -19.27 4.43 -20.96
C ILE B 32 -19.14 5.93 -21.26
N ASP B 33 -18.94 6.73 -20.24
CA ASP B 33 -18.68 8.17 -20.33
C ASP B 33 -17.28 8.44 -19.79
N SER B 34 -16.25 8.33 -20.60
CA SER B 34 -14.88 8.43 -20.07
C SER B 34 -14.20 9.78 -20.20
N TYR B 35 -13.36 10.10 -19.19
CA TYR B 35 -12.58 11.30 -19.10
C TYR B 35 -11.10 11.01 -19.12
N VAL B 36 -10.26 11.93 -19.54
CA VAL B 36 -8.81 11.82 -19.54
C VAL B 36 -8.17 12.94 -18.69
N THR B 37 -7.33 12.62 -17.74
CA THR B 37 -6.61 13.53 -16.87
C THR B 37 -5.10 13.37 -16.97
N VAL B 38 -4.42 14.42 -17.34
CA VAL B 38 -2.93 14.29 -17.46
C VAL B 38 -2.29 15.03 -16.30
N THR B 39 -1.28 14.43 -15.66
CA THR B 39 -0.68 15.09 -14.49
C THR B 39 0.74 15.57 -14.71
N ALA B 40 1.21 15.66 -15.95
CA ALA B 40 2.55 16.10 -16.27
C ALA B 40 2.78 17.57 -15.94
N GLN B 41 3.75 17.90 -15.13
CA GLN B 41 4.02 19.30 -14.79
C GLN B 41 4.08 20.14 -16.07
N HIS B 42 4.85 19.70 -17.05
CA HIS B 42 5.02 20.35 -18.32
C HIS B 42 4.24 19.61 -19.40
N ARG B 43 3.02 19.99 -19.66
CA ARG B 43 2.11 19.43 -20.63
C ARG B 43 2.66 19.18 -22.00
N GLN B 44 3.68 19.87 -22.49
CA GLN B 44 4.24 19.61 -23.82
C GLN B 44 4.95 18.27 -23.91
N MSE B 45 5.48 17.77 -22.79
CA MSE B 45 6.15 16.50 -22.81
C MSE B 45 5.26 15.38 -23.30
O MSE B 45 5.79 14.29 -23.60
CB MSE B 45 6.73 16.21 -21.44
CG MSE B 45 8.07 16.92 -21.20
SE MSE B 45 9.04 16.03 -19.81
CE MSE B 45 7.57 15.29 -18.80
N LEU B 46 3.95 15.57 -23.30
CA LEU B 46 3.00 14.61 -23.77
C LEU B 46 2.34 14.91 -25.09
N ASP B 47 2.68 15.97 -25.82
CA ASP B 47 2.02 16.27 -27.08
C ASP B 47 2.15 15.19 -28.13
N GLN B 48 3.37 14.86 -28.53
CA GLN B 48 3.69 13.85 -29.50
C GLN B 48 2.84 12.60 -29.27
N VAL B 49 2.80 12.06 -28.05
CA VAL B 49 1.94 10.91 -27.80
C VAL B 49 0.47 11.31 -28.01
N LEU B 50 -0.06 12.19 -27.19
CA LEU B 50 -1.43 12.67 -27.34
C LEU B 50 -1.93 12.94 -28.74
N ASP B 51 -1.13 13.49 -29.66
CA ASP B 51 -1.51 13.74 -31.03
C ASP B 51 -1.50 12.47 -31.86
N ALA B 52 -0.53 11.59 -31.58
CA ALA B 52 -0.52 10.32 -32.34
C ALA B 52 -1.89 9.67 -32.15
N PHE B 53 -2.41 9.62 -30.94
CA PHE B 53 -3.67 9.03 -30.62
C PHE B 53 -4.88 9.94 -30.68
N HIS B 54 -4.77 11.16 -31.12
CA HIS B 54 -5.90 12.07 -31.13
C HIS B 54 -6.62 12.08 -29.79
N ILE B 55 -5.93 12.41 -28.71
CA ILE B 55 -6.55 12.54 -27.41
C ILE B 55 -6.49 13.94 -26.88
N LYS B 56 -7.60 14.56 -26.54
CA LYS B 56 -7.56 15.87 -25.91
C LYS B 56 -7.95 15.65 -24.45
N PRO B 57 -6.99 15.74 -23.56
CA PRO B 57 -7.29 15.56 -22.13
C PRO B 57 -8.44 16.46 -21.68
N ASP B 58 -9.30 15.98 -20.80
CA ASP B 58 -10.39 16.74 -20.25
C ASP B 58 -9.91 17.64 -19.12
N PHE B 59 -8.91 17.17 -18.39
CA PHE B 59 -8.40 17.83 -17.20
C PHE B 59 -6.88 17.81 -17.20
N ASP B 60 -6.27 18.91 -16.79
CA ASP B 60 -4.79 18.96 -16.86
C ASP B 60 -4.27 19.43 -15.52
N LEU B 61 -3.56 18.63 -14.78
CA LEU B 61 -3.07 19.05 -13.47
C LEU B 61 -1.57 19.19 -13.55
N ASN B 62 -1.03 20.37 -13.41
CA ASN B 62 0.43 20.52 -13.53
C ASN B 62 1.14 20.19 -12.24
N ILE B 63 1.00 18.96 -11.75
CA ILE B 63 1.67 18.55 -10.52
C ILE B 63 3.15 18.80 -10.65
N MSE B 64 3.73 19.52 -9.68
CA MSE B 64 5.17 19.79 -9.79
C MSE B 64 6.00 18.74 -9.07
O MSE B 64 5.67 18.32 -7.96
CB MSE B 64 5.48 21.21 -9.34
CG MSE B 64 5.47 21.40 -7.85
SE MSE B 64 6.13 23.08 -7.24
CE MSE B 64 8.00 22.83 -7.30
N LYS B 65 7.05 18.27 -9.74
CA LYS B 65 7.95 17.25 -9.26
C LYS B 65 9.42 17.65 -9.27
N GLU B 66 9.76 18.74 -9.93
CA GLU B 66 11.11 19.26 -10.05
C GLU B 66 11.67 19.70 -8.71
N ARG B 67 12.88 19.26 -8.42
CA ARG B 67 13.52 19.60 -7.15
C ARG B 67 12.55 19.44 -5.98
N GLN B 68 11.83 18.34 -5.94
CA GLN B 68 10.86 18.05 -4.91
C GLN B 68 11.18 16.70 -4.26
N THR B 69 10.97 16.61 -2.97
CA THR B 69 11.18 15.34 -2.27
C THR B 69 9.98 14.44 -2.52
N LEU B 70 10.16 13.14 -2.35
CA LEU B 70 9.06 12.19 -2.49
C LEU B 70 7.89 12.67 -1.61
N ALA B 71 8.21 13.10 -0.39
CA ALA B 71 7.19 13.62 0.49
C ALA B 71 6.38 14.73 -0.18
N GLU B 72 7.05 15.69 -0.82
CA GLU B 72 6.37 16.83 -1.43
C GLU B 72 5.61 16.42 -2.68
N ILE B 73 6.22 15.61 -3.54
CA ILE B 73 5.50 15.16 -4.74
C ILE B 73 4.26 14.37 -4.31
N THR B 74 4.41 13.40 -3.40
CA THR B 74 3.33 12.64 -2.84
C THR B 74 2.23 13.54 -2.28
N SER B 75 2.61 14.65 -1.69
CA SER B 75 1.64 15.55 -1.09
C SER B 75 1.00 16.49 -2.09
N ASN B 76 1.73 16.87 -3.12
CA ASN B 76 1.26 17.73 -4.21
C ASN B 76 0.24 16.96 -5.06
N ALA B 77 0.59 15.71 -5.42
CA ALA B 77 -0.31 14.90 -6.24
C ALA B 77 -1.60 14.58 -5.50
N LEU B 78 -1.48 14.14 -4.24
CA LEU B 78 -2.64 13.88 -3.41
C LEU B 78 -3.60 15.08 -3.37
N VAL B 79 -3.07 16.23 -2.99
CA VAL B 79 -3.88 17.43 -2.84
C VAL B 79 -4.60 17.82 -4.11
N ARG B 80 -3.98 17.79 -5.28
CA ARG B 80 -4.60 18.16 -6.52
C ARG B 80 -5.59 17.15 -7.06
N LEU B 81 -5.28 15.88 -7.03
CA LEU B 81 -6.19 14.83 -7.50
C LEU B 81 -7.37 14.68 -6.56
N ASP B 82 -7.15 14.99 -5.27
CA ASP B 82 -8.25 14.98 -4.30
C ASP B 82 -9.26 16.07 -4.69
N GLU B 83 -8.75 17.30 -4.78
CA GLU B 83 -9.53 18.44 -5.20
C GLU B 83 -10.37 18.11 -6.44
N LEU B 84 -9.77 17.47 -7.44
CA LEU B 84 -10.39 17.10 -8.68
C LEU B 84 -11.54 16.13 -8.49
N PHE B 85 -11.28 15.06 -7.74
CA PHE B 85 -12.30 14.05 -7.45
C PHE B 85 -13.44 14.61 -6.63
N LYS B 86 -13.20 15.53 -5.70
CA LYS B 86 -14.33 16.15 -5.02
C LYS B 86 -15.32 16.67 -6.08
N ASP B 87 -14.81 17.41 -7.06
CA ASP B 87 -15.57 18.02 -8.11
C ASP B 87 -16.02 17.18 -9.26
N ILE B 88 -15.40 16.03 -9.55
CA ILE B 88 -15.88 15.26 -10.71
C ILE B 88 -16.48 13.95 -10.35
N LYS B 89 -16.02 13.23 -9.36
CA LYS B 89 -16.69 11.98 -9.02
C LYS B 89 -16.96 11.01 -10.13
N PRO B 90 -15.91 10.40 -10.67
CA PRO B 90 -16.07 9.34 -11.65
C PRO B 90 -16.42 8.05 -10.91
N ASP B 91 -17.05 7.10 -11.58
CA ASP B 91 -17.39 5.83 -10.93
C ASP B 91 -16.13 5.04 -10.66
N ILE B 92 -15.31 4.85 -11.68
CA ILE B 92 -14.05 4.13 -11.44
C ILE B 92 -12.87 4.97 -11.94
N VAL B 93 -11.74 4.98 -11.23
CA VAL B 93 -10.53 5.69 -11.68
C VAL B 93 -9.49 4.68 -12.15
N LEU B 94 -8.99 4.81 -13.38
CA LEU B 94 -7.99 3.92 -13.92
C LEU B 94 -6.60 4.53 -13.85
N VAL B 95 -5.70 3.80 -13.16
CA VAL B 95 -4.34 4.31 -13.00
C VAL B 95 -3.36 3.25 -13.48
N HIS B 96 -2.10 3.63 -13.73
CA HIS B 96 -1.13 2.73 -14.28
C HIS B 96 0.13 2.56 -13.49
N GLY B 97 0.66 1.32 -13.47
CA GLY B 97 1.88 0.97 -12.90
C GLY B 97 2.30 1.38 -11.53
N ASP B 98 3.50 1.95 -11.39
CA ASP B 98 4.10 2.25 -10.12
C ASP B 98 4.70 3.61 -9.92
N THR B 99 4.15 4.64 -10.56
CA THR B 99 4.74 5.98 -10.32
C THR B 99 4.15 6.57 -9.05
N THR B 100 4.81 7.56 -8.46
CA THR B 100 4.28 8.13 -7.22
C THR B 100 2.93 8.75 -7.39
N THR B 101 2.77 9.54 -8.45
CA THR B 101 1.49 10.17 -8.75
C THR B 101 0.42 9.10 -8.90
N THR B 102 0.74 7.96 -9.48
CA THR B 102 -0.26 6.89 -9.60
C THR B 102 -0.80 6.51 -8.23
N PHE B 103 0.12 6.17 -7.33
CA PHE B 103 -0.27 5.84 -5.97
C PHE B 103 -1.08 6.98 -5.37
N ALA B 104 -0.58 8.22 -5.40
CA ALA B 104 -1.31 9.35 -4.84
C ALA B 104 -2.71 9.53 -5.42
N GLY B 105 -2.87 9.31 -6.71
CA GLY B 105 -4.19 9.34 -7.34
C GLY B 105 -5.05 8.20 -6.84
N SER B 106 -4.47 7.05 -6.49
CA SER B 106 -5.24 5.94 -5.97
C SER B 106 -5.79 6.21 -4.59
N LEU B 107 -5.00 6.93 -3.79
CA LEU B 107 -5.38 7.27 -2.42
C LEU B 107 -6.39 8.39 -2.41
N ALA B 108 -6.29 9.29 -3.37
CA ALA B 108 -7.27 10.38 -3.48
C ALA B 108 -8.64 9.81 -3.76
N ALA B 109 -8.70 8.90 -4.74
CA ALA B 109 -9.98 8.23 -5.02
C ALA B 109 -10.47 7.47 -3.80
N PHE B 110 -9.56 6.84 -3.05
CA PHE B 110 -9.98 6.05 -1.89
C PHE B 110 -10.70 6.87 -0.85
N TYR B 111 -10.16 8.04 -0.56
CA TYR B 111 -10.74 9.00 0.36
C TYR B 111 -12.11 9.46 -0.06
N HIS B 112 -12.50 9.31 -1.31
CA HIS B 112 -13.83 9.60 -1.80
C HIS B 112 -14.58 8.33 -2.16
N GLN B 113 -14.06 7.18 -1.75
CA GLN B 113 -14.70 5.90 -2.02
C GLN B 113 -14.95 5.66 -3.51
N ILE B 114 -14.08 6.17 -4.35
CA ILE B 114 -14.20 5.98 -5.79
C ILE B 114 -13.44 4.72 -6.12
N ALA B 115 -13.99 3.78 -6.87
CA ALA B 115 -13.26 2.54 -7.14
C ALA B 115 -11.98 2.79 -7.91
N VAL B 116 -11.05 1.84 -7.80
CA VAL B 116 -9.78 2.01 -8.52
C VAL B 116 -9.46 0.78 -9.36
N GLY B 117 -9.08 0.99 -10.61
CA GLY B 117 -8.77 -0.14 -11.51
C GLY B 117 -7.27 0.00 -11.78
N HIS B 118 -6.49 -1.03 -11.53
CA HIS B 118 -5.05 -0.88 -11.65
C HIS B 118 -4.48 -1.53 -12.89
N VAL B 119 -3.95 -0.72 -13.81
CA VAL B 119 -3.42 -1.26 -15.05
C VAL B 119 -1.98 -1.67 -14.92
N GLU B 120 -1.65 -2.84 -15.43
CA GLU B 120 -0.29 -3.35 -15.30
C GLU B 120 -0.04 -3.63 -13.81
N ALA B 121 -0.93 -4.41 -13.24
CA ALA B 121 -0.90 -4.76 -11.84
C ALA B 121 -0.04 -5.99 -11.56
N GLY B 122 0.47 -6.11 -10.36
CA GLY B 122 1.21 -7.21 -9.86
C GLY B 122 2.66 -7.36 -10.13
N LEU B 123 3.35 -6.52 -10.91
CA LEU B 123 4.81 -6.68 -11.04
C LEU B 123 5.49 -6.62 -9.67
N ARG B 124 6.33 -7.59 -9.33
CA ARG B 124 6.97 -7.61 -8.03
C ARG B 124 8.48 -7.86 -8.11
N THR B 125 9.06 -7.54 -7.00
CA THR B 125 10.48 -7.73 -6.64
C THR B 125 10.41 -7.91 -5.14
N GLY B 126 11.08 -8.84 -4.51
CA GLY B 126 10.90 -8.88 -3.02
C GLY B 126 11.68 -7.78 -2.36
N ASN B 127 12.18 -6.78 -3.08
CA ASN B 127 13.01 -5.75 -2.52
C ASN B 127 12.33 -4.44 -2.23
N LYS B 128 12.07 -4.17 -0.95
CA LYS B 128 11.49 -2.95 -0.46
C LYS B 128 12.05 -1.70 -1.13
N TYR B 129 13.37 -1.66 -1.33
CA TYR B 129 14.07 -0.51 -1.84
C TYR B 129 14.66 -0.71 -3.22
N SER B 130 13.98 -1.52 -4.06
CA SER B 130 14.53 -1.65 -5.43
C SER B 130 13.58 -2.28 -6.39
N PRO B 131 12.99 -1.53 -7.30
CA PRO B 131 13.19 -0.11 -7.40
C PRO B 131 12.59 0.70 -6.25
N PHE B 132 13.13 1.87 -5.98
CA PHE B 132 12.64 2.75 -4.92
C PHE B 132 12.20 4.08 -5.52
N PRO B 133 10.99 4.53 -5.30
CA PRO B 133 10.01 3.85 -4.47
C PRO B 133 8.99 3.05 -5.26
N GLU B 134 9.25 2.84 -6.52
CA GLU B 134 8.35 2.18 -7.44
C GLU B 134 7.75 0.90 -6.89
N GLU B 135 8.61 0.01 -6.42
CA GLU B 135 8.20 -1.24 -5.81
C GLU B 135 7.16 -1.02 -4.74
N LEU B 136 7.42 -0.16 -3.75
CA LEU B 136 6.42 0.07 -2.73
C LEU B 136 5.13 0.63 -3.30
N ASN B 137 5.23 1.52 -4.26
CA ASN B 137 4.11 2.19 -4.90
C ASN B 137 3.11 1.19 -5.47
N ARG B 138 3.66 0.17 -6.16
CA ARG B 138 2.80 -0.83 -6.79
C ARG B 138 2.08 -1.62 -5.73
N GLN B 139 2.77 -1.96 -4.64
CA GLN B 139 2.10 -2.66 -3.53
C GLN B 139 1.04 -1.82 -2.85
N MSE B 140 1.33 -0.59 -2.43
CA MSE B 140 0.27 0.21 -1.80
C MSE B 140 -0.91 0.42 -2.72
O MSE B 140 -2.07 0.09 -2.40
CB MSE B 140 0.82 1.47 -1.21
CG MSE B 140 1.84 1.23 -0.08
SE MSE B 140 2.49 2.93 0.54
CE MSE B 140 3.39 3.59 -0.99
N THR B 141 -0.70 0.81 -3.98
CA THR B 141 -1.80 0.90 -4.95
C THR B 141 -2.52 -0.44 -5.07
N GLY B 142 -1.78 -1.54 -5.03
CA GLY B 142 -2.39 -2.85 -5.02
C GLY B 142 -3.32 -3.05 -3.83
N ALA B 143 -3.05 -2.40 -2.69
CA ALA B 143 -3.90 -2.47 -1.54
C ALA B 143 -5.18 -1.69 -1.73
N ILE B 144 -5.26 -0.77 -2.68
CA ILE B 144 -6.43 0.06 -2.85
C ILE B 144 -7.28 -0.37 -4.04
N ALA B 145 -6.59 -0.91 -5.07
CA ALA B 145 -7.31 -1.26 -6.30
C ALA B 145 -8.49 -2.15 -6.06
N ASP B 146 -9.49 -2.14 -6.93
CA ASP B 146 -10.65 -3.01 -6.75
C ASP B 146 -10.54 -4.11 -7.83
N LEU B 147 -9.97 -3.68 -8.94
CA LEU B 147 -9.73 -4.52 -10.10
C LEU B 147 -8.24 -4.47 -10.43
N HIS B 148 -7.68 -5.66 -10.66
CA HIS B 148 -6.27 -5.74 -10.99
C HIS B 148 -6.12 -6.29 -12.40
N PHE B 149 -5.66 -5.43 -13.30
CA PHE B 149 -5.46 -5.89 -14.71
C PHE B 149 -4.02 -6.33 -14.82
N ALA B 150 -3.77 -7.60 -14.64
CA ALA B 150 -2.39 -8.11 -14.62
C ALA B 150 -1.89 -8.36 -16.02
N PRO B 151 -0.63 -8.06 -16.25
CA PRO B 151 -0.04 -8.25 -17.56
C PRO B 151 0.04 -9.73 -17.87
N THR B 152 0.58 -10.49 -16.94
CA THR B 152 0.78 -11.92 -17.09
C THR B 152 0.16 -12.70 -15.92
N GLY B 153 0.30 -14.00 -15.99
CA GLY B 153 -0.17 -14.98 -15.05
C GLY B 153 0.72 -14.94 -13.81
N GLN B 154 1.99 -14.62 -14.01
CA GLN B 154 2.89 -14.43 -12.90
C GLN B 154 2.44 -13.24 -12.03
N ALA B 155 2.02 -12.18 -12.74
CA ALA B 155 1.47 -11.03 -12.01
C ALA B 155 0.24 -11.48 -11.24
N LYS B 156 -0.62 -12.29 -11.86
CA LYS B 156 -1.82 -12.80 -11.23
C LYS B 156 -1.44 -13.55 -9.95
N ASP B 157 -0.46 -14.44 -10.15
CA ASP B 157 0.07 -15.24 -9.04
C ASP B 157 0.64 -14.39 -7.94
N ASN B 158 1.53 -13.42 -8.26
CA ASN B 158 2.04 -12.54 -7.22
C ASN B 158 0.87 -11.91 -6.46
N LEU B 159 -0.17 -11.49 -7.20
CA LEU B 159 -1.33 -10.92 -6.53
C LEU B 159 -2.06 -11.93 -5.68
N LEU B 160 -2.30 -13.16 -6.14
CA LEU B 160 -2.98 -14.14 -5.28
C LEU B 160 -2.16 -14.40 -4.01
N LYS B 161 -0.83 -14.49 -4.14
CA LYS B 161 0.02 -14.75 -2.99
C LYS B 161 -0.14 -13.74 -1.87
N GLU B 162 -0.69 -12.56 -2.12
CA GLU B 162 -0.85 -11.53 -1.14
C GLU B 162 -2.31 -11.31 -0.74
N ASN B 163 -3.11 -12.33 -0.95
CA ASN B 163 -4.47 -12.47 -0.54
C ASN B 163 -5.45 -11.56 -1.21
N LYS B 164 -5.20 -11.25 -2.49
CA LYS B 164 -6.24 -10.50 -3.20
C LYS B 164 -7.20 -11.49 -3.85
N LYS B 165 -8.50 -11.31 -3.74
CA LYS B 165 -9.48 -12.19 -4.35
C LYS B 165 -9.17 -12.43 -5.84
N ALA B 166 -9.42 -13.66 -6.29
CA ALA B 166 -9.23 -14.07 -7.66
C ALA B 166 -10.31 -13.56 -8.61
N ASP B 167 -11.50 -13.27 -8.05
CA ASP B 167 -12.60 -12.74 -8.83
C ASP B 167 -12.41 -11.27 -9.16
N SER B 168 -11.23 -10.73 -8.82
CA SER B 168 -10.92 -9.34 -9.12
C SER B 168 -9.57 -9.19 -9.81
N ILE B 169 -8.97 -10.27 -10.30
CA ILE B 169 -7.72 -10.15 -11.02
C ILE B 169 -7.87 -10.68 -12.45
N PHE B 170 -7.42 -9.94 -13.45
CA PHE B 170 -7.52 -10.31 -14.83
C PHE B 170 -6.19 -10.23 -15.56
N VAL B 171 -5.77 -11.36 -16.15
CA VAL B 171 -4.55 -11.34 -16.96
C VAL B 171 -4.99 -10.85 -18.34
N THR B 172 -4.64 -9.62 -18.64
CA THR B 172 -5.05 -8.99 -19.90
C THR B 172 -3.92 -8.92 -20.91
N GLY B 173 -2.68 -9.12 -20.48
CA GLY B 173 -1.56 -8.92 -21.46
C GLY B 173 -1.22 -7.41 -21.32
N ASN B 174 -0.01 -7.03 -21.62
CA ASN B 174 0.50 -5.68 -21.56
C ASN B 174 -0.17 -4.84 -22.64
N THR B 175 -0.73 -3.69 -22.25
CA THR B 175 -1.37 -2.76 -23.16
C THR B 175 -0.31 -2.07 -23.97
N ALA B 176 0.97 -2.23 -23.60
CA ALA B 176 2.00 -1.62 -24.45
C ALA B 176 1.93 -2.16 -25.89
N ILE B 177 1.56 -3.44 -26.06
CA ILE B 177 1.50 -3.99 -27.40
C ILE B 177 0.33 -3.34 -28.14
N ASP B 178 -0.75 -3.05 -27.42
CA ASP B 178 -1.90 -2.40 -28.02
C ASP B 178 -1.47 -1.14 -28.76
N ALA B 179 -0.60 -0.34 -28.17
CA ALA B 179 -0.10 0.87 -28.77
C ALA B 179 0.43 0.70 -30.17
N LEU B 180 1.19 -0.37 -30.45
CA LEU B 180 1.80 -0.59 -31.74
C LEU B 180 0.81 -0.46 -32.88
N ASN B 181 -0.41 -0.88 -32.65
CA ASN B 181 -1.45 -0.82 -33.67
C ASN B 181 -1.71 0.60 -34.13
N THR B 182 -1.69 1.56 -33.22
CA THR B 182 -1.88 2.94 -33.54
C THR B 182 -0.59 3.66 -33.91
N THR B 183 0.51 3.39 -33.19
CA THR B 183 1.71 4.18 -33.41
C THR B 183 2.41 3.90 -34.70
N VAL B 184 2.53 2.65 -35.11
CA VAL B 184 3.28 2.29 -36.31
C VAL B 184 2.53 2.74 -37.55
N ARG B 185 3.25 3.47 -38.40
CA ARG B 185 2.67 4.02 -39.62
C ARG B 185 3.28 3.47 -40.89
N ASP B 186 2.40 2.99 -41.79
CA ASP B 186 2.88 2.47 -43.09
C ASP B 186 3.79 3.51 -43.73
N GLY B 187 3.29 4.74 -43.86
CA GLY B 187 4.00 5.83 -44.43
C GLY B 187 5.09 6.51 -43.67
N TYR B 188 5.57 6.00 -42.54
CA TYR B 188 6.58 6.65 -41.74
C TYR B 188 7.85 7.00 -42.48
N SER B 189 8.48 8.12 -42.11
CA SER B 189 9.72 8.50 -42.77
C SER B 189 10.69 9.26 -41.86
N HIS B 190 11.96 9.14 -42.21
CA HIS B 190 13.03 9.84 -41.48
C HIS B 190 14.24 9.92 -42.39
N PRO B 191 14.96 11.03 -42.43
CA PRO B 191 16.17 11.09 -43.26
C PRO B 191 17.07 9.90 -43.05
N VAL B 192 17.22 9.34 -41.84
CA VAL B 192 18.10 8.19 -41.69
C VAL B 192 17.68 7.00 -42.55
N LEU B 193 16.36 6.78 -42.58
CA LEU B 193 15.73 5.71 -43.33
C LEU B 193 15.90 5.83 -44.83
N ASP B 194 16.07 7.05 -45.33
CA ASP B 194 16.37 7.28 -46.75
C ASP B 194 17.79 6.82 -47.03
N GLN B 195 18.80 7.35 -46.32
CA GLN B 195 20.17 6.90 -46.44
C GLN B 195 20.28 5.38 -46.33
N VAL B 196 19.39 4.73 -45.58
CA VAL B 196 19.40 3.29 -45.39
C VAL B 196 18.79 2.60 -46.59
N GLY B 197 17.85 3.30 -47.24
CA GLY B 197 17.22 2.73 -48.42
C GLY B 197 16.61 1.38 -48.10
N GLU B 198 17.01 0.35 -48.83
CA GLU B 198 16.37 -0.95 -48.66
C GLU B 198 17.26 -2.01 -48.03
N ASP B 199 18.39 -1.57 -47.47
CA ASP B 199 19.35 -2.43 -46.83
C ASP B 199 18.85 -3.02 -45.52
N LYS B 200 19.21 -4.27 -45.27
CA LYS B 200 18.77 -4.83 -43.96
C LYS B 200 19.24 -3.88 -42.88
N MSE B 201 18.31 -3.42 -42.02
CA MSE B 201 18.76 -2.46 -41.00
C MSE B 201 18.78 -3.03 -39.60
O MSE B 201 17.79 -3.51 -39.11
CB MSE B 201 17.96 -1.17 -41.11
CG MSE B 201 18.48 -0.01 -40.29
SE MSE B 201 17.44 0.27 -38.70
CE MSE B 201 15.88 1.10 -39.39
N ILE B 202 19.96 -3.09 -38.97
CA ILE B 202 20.10 -3.52 -37.60
C ILE B 202 19.91 -2.31 -36.66
N LEU B 203 19.09 -2.45 -35.62
CA LEU B 203 18.81 -1.35 -34.71
C LEU B 203 19.40 -1.60 -33.34
N LEU B 204 20.34 -0.75 -32.93
CA LEU B 204 21.02 -0.88 -31.64
C LEU B 204 20.46 -0.01 -30.54
N THR B 205 20.30 -0.56 -29.34
CA THR B 205 19.73 0.12 -28.19
C THR B 205 20.46 -0.16 -26.89
N ALA B 206 21.24 0.77 -26.35
CA ALA B 206 21.92 0.54 -25.08
C ALA B 206 21.38 1.42 -23.95
N PRO B 215 30.63 -3.26 -21.60
CA PRO B 215 31.66 -3.11 -22.62
C PRO B 215 31.03 -2.76 -23.96
N MSE B 216 30.66 -1.48 -24.09
CA MSE B 216 30.09 -0.99 -25.34
C MSE B 216 31.14 -1.00 -26.43
O MSE B 216 30.82 -1.03 -27.62
CB MSE B 216 29.48 0.37 -25.14
CG MSE B 216 29.33 1.25 -26.37
SE MSE B 216 28.95 3.06 -25.87
CE MSE B 216 27.54 2.75 -24.60
N GLU B 217 32.41 -1.01 -26.05
CA GLU B 217 33.50 -1.18 -26.99
C GLU B 217 33.33 -2.53 -27.71
N ASN B 218 32.92 -3.56 -26.98
CA ASN B 218 32.71 -4.90 -27.47
C ASN B 218 31.58 -5.01 -28.46
N MSE B 219 30.56 -4.19 -28.30
CA MSE B 219 29.42 -4.12 -29.19
C MSE B 219 29.78 -3.41 -30.50
O MSE B 219 29.38 -3.83 -31.57
CB MSE B 219 28.30 -3.41 -28.48
CG MSE B 219 26.94 -3.44 -29.16
SE MSE B 219 25.78 -2.19 -28.28
CE MSE B 219 26.21 -2.55 -26.44
N PHE B 220 30.56 -2.35 -30.42
CA PHE B 220 30.95 -1.56 -31.60
C PHE B 220 31.89 -2.34 -32.50
N LYS B 221 32.75 -3.14 -31.91
CA LYS B 221 33.65 -4.05 -32.61
C LYS B 221 32.85 -5.09 -33.38
N ALA B 222 31.90 -5.70 -32.68
CA ALA B 222 31.02 -6.69 -33.28
C ALA B 222 30.38 -6.11 -34.55
N ILE B 223 29.78 -4.93 -34.38
CA ILE B 223 29.07 -4.21 -35.43
C ILE B 223 29.98 -3.92 -36.60
N ARG B 224 31.15 -3.41 -36.25
CA ARG B 224 32.15 -3.10 -37.28
C ARG B 224 32.33 -4.35 -38.14
N ARG B 225 32.80 -5.44 -37.53
CA ARG B 225 32.95 -6.70 -38.23
C ARG B 225 31.79 -6.93 -39.20
N ILE B 226 30.60 -7.14 -38.61
CA ILE B 226 29.40 -7.38 -39.37
C ILE B 226 29.21 -6.43 -40.52
N VAL B 227 29.27 -5.12 -40.24
CA VAL B 227 29.11 -4.15 -41.33
C VAL B 227 30.11 -4.40 -42.45
N GLY B 228 31.28 -4.95 -42.13
CA GLY B 228 32.34 -5.29 -43.02
C GLY B 228 32.07 -6.59 -43.76
N GLU B 229 31.71 -7.66 -43.03
CA GLU B 229 31.40 -8.92 -43.71
C GLU B 229 30.24 -8.76 -44.69
N PHE B 230 29.24 -7.92 -44.40
CA PHE B 230 28.03 -7.76 -45.19
C PHE B 230 27.77 -6.31 -45.61
N GLU B 231 27.67 -6.08 -46.91
CA GLU B 231 27.50 -4.78 -47.51
C GLU B 231 26.08 -4.32 -47.69
N ASP B 232 25.12 -5.21 -47.47
CA ASP B 232 23.72 -4.83 -47.59
C ASP B 232 23.14 -4.54 -46.21
N VAL B 233 24.00 -4.32 -45.23
CA VAL B 233 23.55 -4.07 -43.87
C VAL B 233 23.96 -2.72 -43.36
N GLN B 234 22.99 -1.98 -42.84
CA GLN B 234 23.28 -0.69 -42.22
C GLN B 234 22.89 -0.77 -40.75
N VAL B 235 23.55 -0.02 -39.91
CA VAL B 235 23.24 -0.02 -38.47
C VAL B 235 22.76 1.36 -38.05
N VAL B 236 21.68 1.44 -37.29
CA VAL B 236 21.18 2.72 -36.77
C VAL B 236 21.31 2.68 -35.24
N TYR B 237 22.00 3.68 -34.70
CA TYR B 237 22.22 3.73 -33.25
C TYR B 237 21.75 5.04 -32.65
N PRO B 238 20.60 5.01 -31.99
CA PRO B 238 20.06 6.18 -31.31
C PRO B 238 20.70 6.44 -29.95
N VAL B 239 21.63 7.39 -29.84
CA VAL B 239 22.22 7.76 -28.58
C VAL B 239 22.12 9.29 -28.42
N HIS B 240 22.21 9.74 -27.20
CA HIS B 240 22.41 11.12 -26.84
C HIS B 240 23.96 11.21 -26.72
N LEU B 241 24.63 11.80 -27.67
CA LEU B 241 26.08 11.86 -27.67
C LEU B 241 26.72 12.22 -26.35
N ASN B 242 27.95 11.75 -26.17
CA ASN B 242 28.69 12.06 -24.91
C ASN B 242 30.17 11.79 -25.12
N PRO B 243 31.02 12.20 -24.21
CA PRO B 243 32.47 12.09 -24.42
C PRO B 243 32.95 10.69 -24.67
N VAL B 244 32.64 9.73 -23.82
CA VAL B 244 33.10 8.36 -24.05
C VAL B 244 32.62 7.81 -25.38
N VAL B 245 31.29 7.64 -25.49
CA VAL B 245 30.67 7.15 -26.72
C VAL B 245 31.25 7.86 -27.94
N ARG B 246 31.39 9.19 -27.88
CA ARG B 246 31.96 9.98 -28.95
C ARG B 246 33.27 9.37 -29.44
N GLU B 247 34.22 9.16 -28.51
CA GLU B 247 35.49 8.57 -28.87
C GLU B 247 35.30 7.10 -29.23
N ALA B 248 34.54 6.40 -28.40
CA ALA B 248 34.26 4.99 -28.60
C ALA B 248 33.81 4.71 -30.03
N ALA B 249 33.00 5.58 -30.59
CA ALA B 249 32.47 5.45 -31.93
C ALA B 249 33.45 5.88 -33.00
N HIS B 250 34.30 6.87 -32.74
CA HIS B 250 35.28 7.30 -33.74
C HIS B 250 36.33 6.23 -33.97
N LYS B 251 36.65 5.46 -32.94
CA LYS B 251 37.63 4.39 -33.09
C LYS B 251 37.10 3.30 -34.03
N HIS B 252 36.04 2.65 -33.57
CA HIS B 252 35.42 1.53 -34.26
C HIS B 252 34.59 1.88 -35.47
N PHE B 253 33.56 2.70 -35.29
CA PHE B 253 32.74 3.10 -36.44
C PHE B 253 33.55 3.94 -37.41
N GLY B 254 34.41 4.79 -36.87
CA GLY B 254 35.29 5.64 -37.64
C GLY B 254 34.75 6.13 -38.95
N ASP B 255 35.03 5.42 -40.04
CA ASP B 255 34.60 5.82 -41.37
C ASP B 255 33.77 4.75 -42.06
N SER B 256 32.71 4.33 -41.37
CA SER B 256 31.77 3.35 -41.92
C SER B 256 30.56 4.15 -42.38
N ASP B 257 30.30 4.24 -43.68
CA ASP B 257 29.15 5.01 -44.15
C ASP B 257 27.84 4.33 -43.83
N ARG B 258 27.84 3.09 -43.34
CA ARG B 258 26.63 2.39 -42.99
C ARG B 258 26.33 2.30 -41.50
N VAL B 259 26.89 3.12 -40.65
CA VAL B 259 26.61 3.10 -39.20
C VAL B 259 26.13 4.50 -38.82
N HIS B 260 24.90 4.66 -38.40
CA HIS B 260 24.35 5.97 -38.14
C HIS B 260 24.03 6.19 -36.68
N LEU B 261 24.80 7.09 -36.06
CA LEU B 261 24.51 7.46 -34.66
C LEU B 261 23.42 8.54 -34.80
N ILE B 262 22.22 8.37 -34.30
CA ILE B 262 21.19 9.39 -34.47
C ILE B 262 20.60 9.78 -33.12
N GLU B 263 19.70 10.75 -33.07
CA GLU B 263 19.12 11.16 -31.81
C GLU B 263 18.36 10.08 -31.07
N PRO B 264 18.41 10.18 -29.73
CA PRO B 264 17.54 9.37 -28.89
C PRO B 264 16.10 9.47 -29.45
N LEU B 265 15.42 8.36 -29.62
CA LEU B 265 14.12 8.23 -30.16
C LEU B 265 13.01 8.24 -29.12
N GLU B 266 11.95 9.00 -29.45
CA GLU B 266 10.71 8.96 -28.67
C GLU B 266 10.07 7.59 -29.00
N VAL B 267 9.38 7.00 -28.06
CA VAL B 267 8.74 5.71 -28.23
C VAL B 267 7.99 5.65 -29.55
N ILE B 268 7.12 6.58 -29.91
CA ILE B 268 6.46 6.58 -31.21
C ILE B 268 7.46 6.38 -32.36
N ASP B 269 8.58 7.08 -32.37
CA ASP B 269 9.61 6.95 -33.37
C ASP B 269 10.40 5.66 -33.25
N PHE B 270 10.52 5.10 -32.05
CA PHE B 270 11.24 3.84 -31.89
C PHE B 270 10.41 2.68 -32.43
N HIS B 271 9.09 2.80 -32.33
CA HIS B 271 8.19 1.78 -32.82
C HIS B 271 8.32 1.61 -34.33
N ASN B 272 8.45 2.71 -35.03
CA ASN B 272 8.59 2.80 -36.45
C ASN B 272 9.92 2.26 -36.93
N PHE B 273 11.05 2.67 -36.36
CA PHE B 273 12.34 2.11 -36.74
C PHE B 273 12.35 0.60 -36.47
N ALA B 274 11.86 0.16 -35.34
CA ALA B 274 11.74 -1.25 -35.01
C ALA B 274 11.00 -2.00 -36.11
N ALA B 275 9.81 -1.48 -36.42
CA ALA B 275 9.00 -2.06 -37.49
C ALA B 275 9.74 -2.12 -38.81
N LYS B 276 10.71 -1.30 -39.11
CA LYS B 276 11.52 -1.31 -40.28
C LYS B 276 12.84 -2.03 -40.12
N SER B 277 13.19 -2.46 -38.91
CA SER B 277 14.47 -3.14 -38.72
C SER B 277 14.38 -4.58 -39.25
N HIS B 278 15.56 -5.21 -39.29
CA HIS B 278 15.68 -6.62 -39.62
C HIS B 278 15.69 -7.32 -38.25
N PHE B 279 16.62 -6.87 -37.41
CA PHE B 279 16.66 -7.36 -36.04
C PHE B 279 17.10 -6.19 -35.15
N ILE B 280 17.15 -6.44 -33.84
CA ILE B 280 17.49 -5.43 -32.87
C ILE B 280 18.38 -5.97 -31.74
N LEU B 281 19.39 -5.19 -31.40
CA LEU B 281 20.24 -5.51 -30.22
C LEU B 281 19.90 -4.50 -29.11
N THR B 282 19.35 -4.94 -28.00
CA THR B 282 18.95 -4.02 -26.93
C THR B 282 19.43 -4.54 -25.58
N ASP B 283 19.03 -3.88 -24.53
CA ASP B 283 19.25 -4.28 -23.15
C ASP B 283 18.08 -3.68 -22.33
N SER B 284 17.12 -3.21 -23.09
CA SER B 284 15.92 -2.56 -22.62
C SER B 284 14.78 -3.54 -22.46
N GLY B 285 14.12 -3.48 -21.32
CA GLY B 285 12.96 -4.37 -21.06
C GLY B 285 11.79 -3.92 -21.93
N GLY B 286 11.77 -2.66 -22.31
CA GLY B 286 10.70 -2.12 -23.15
C GLY B 286 10.67 -2.82 -24.50
N VAL B 287 11.75 -2.69 -25.26
CA VAL B 287 11.91 -3.36 -26.53
C VAL B 287 11.77 -4.89 -26.44
N GLN B 288 12.08 -5.51 -25.31
CA GLN B 288 11.92 -6.96 -25.20
C GLN B 288 10.48 -7.42 -25.10
N GLU B 289 9.56 -6.56 -24.70
CA GLU B 289 8.16 -6.94 -24.65
C GLU B 289 7.37 -6.47 -25.88
N GLU B 290 7.84 -5.48 -26.63
CA GLU B 290 7.05 -4.97 -27.75
C GLU B 290 7.61 -5.32 -29.10
N ALA B 291 8.92 -5.17 -29.31
CA ALA B 291 9.50 -5.44 -30.64
C ALA B 291 9.03 -6.76 -31.21
N PRO B 292 9.08 -7.86 -30.47
CA PRO B 292 8.58 -9.15 -30.89
C PRO B 292 7.20 -9.10 -31.49
N SER B 293 6.27 -8.31 -30.94
CA SER B 293 4.97 -8.11 -31.52
C SER B 293 5.00 -7.59 -32.95
N LEU B 294 6.05 -6.96 -33.40
CA LEU B 294 6.25 -6.48 -34.72
C LEU B 294 6.97 -7.56 -35.54
N GLY B 295 7.29 -8.66 -34.89
CA GLY B 295 7.92 -9.77 -35.53
C GLY B 295 9.39 -9.65 -35.74
N LYS B 296 10.06 -8.71 -35.04
CA LYS B 296 11.51 -8.58 -35.23
C LYS B 296 12.30 -9.26 -34.12
N PRO B 297 13.08 -10.27 -34.44
CA PRO B 297 13.94 -10.94 -33.46
C PRO B 297 14.69 -9.98 -32.57
N VAL B 298 14.98 -10.34 -31.32
CA VAL B 298 15.69 -9.42 -30.44
C VAL B 298 16.91 -10.05 -29.77
N LEU B 299 18.09 -9.46 -29.98
CA LEU B 299 19.30 -9.90 -29.32
C LEU B 299 19.55 -9.08 -28.05
N VAL B 300 19.20 -9.62 -26.90
CA VAL B 300 19.37 -8.94 -25.63
C VAL B 300 20.79 -8.98 -25.12
N LEU B 301 21.43 -7.82 -24.98
CA LEU B 301 22.82 -7.75 -24.55
C LEU B 301 22.96 -7.76 -23.03
N ARG B 302 22.76 -8.92 -22.44
CA ARG B 302 22.86 -9.16 -21.01
C ARG B 302 23.19 -10.65 -20.81
N ASP B 303 23.59 -11.03 -19.62
CA ASP B 303 23.88 -12.45 -19.37
C ASP B 303 22.71 -13.04 -18.58
N THR B 304 22.08 -12.18 -17.81
CA THR B 304 20.92 -12.58 -17.02
C THR B 304 19.72 -11.82 -17.59
N THR B 305 18.71 -12.54 -18.07
CA THR B 305 17.58 -11.80 -18.65
C THR B 305 16.59 -11.35 -17.60
N GLU B 306 15.79 -10.34 -17.95
CA GLU B 306 14.77 -9.81 -17.05
C GLU B 306 13.40 -10.25 -17.55
N ARG B 307 13.39 -10.76 -18.77
CA ARG B 307 12.17 -11.27 -19.38
C ARG B 307 12.36 -12.77 -19.67
N PRO B 308 12.31 -13.59 -18.63
CA PRO B 308 12.50 -15.02 -18.78
C PRO B 308 11.52 -15.64 -19.76
N GLU B 309 10.24 -15.26 -19.66
CA GLU B 309 9.19 -15.76 -20.52
C GLU B 309 9.57 -15.65 -21.99
N GLY B 310 10.12 -14.52 -22.38
CA GLY B 310 10.57 -14.25 -23.72
C GLY B 310 11.62 -15.23 -24.20
N VAL B 311 12.63 -15.53 -23.36
CA VAL B 311 13.66 -16.50 -23.74
C VAL B 311 13.04 -17.88 -23.97
N GLU B 312 12.05 -18.23 -23.13
CA GLU B 312 11.38 -19.51 -23.29
C GLU B 312 10.57 -19.54 -24.58
N ALA B 313 9.83 -18.48 -24.87
CA ALA B 313 9.05 -18.39 -26.08
C ALA B 313 9.89 -18.32 -27.33
N GLY B 314 11.17 -17.96 -27.24
CA GLY B 314 12.02 -17.89 -28.42
C GLY B 314 11.94 -16.52 -29.07
N THR B 315 11.52 -15.55 -28.31
CA THR B 315 11.33 -14.17 -28.69
C THR B 315 12.57 -13.35 -28.49
N LEU B 316 13.31 -13.62 -27.42
CA LEU B 316 14.54 -12.89 -27.17
C LEU B 316 15.72 -13.88 -27.18
N LYS B 317 16.92 -13.34 -27.13
CA LYS B 317 18.11 -14.17 -27.08
C LYS B 317 19.20 -13.47 -26.28
N LEU B 318 19.70 -14.14 -25.25
CA LEU B 318 20.78 -13.53 -24.44
C LEU B 318 22.07 -13.62 -25.25
N ALA B 319 22.72 -12.50 -25.50
CA ALA B 319 23.95 -12.52 -26.29
C ALA B 319 25.16 -12.12 -25.45
N GLY B 320 24.94 -11.90 -24.16
CA GLY B 320 25.99 -11.45 -23.27
C GLY B 320 26.64 -10.17 -23.82
N THR B 321 27.85 -9.89 -23.31
CA THR B 321 28.62 -8.72 -23.64
C THR B 321 29.87 -9.00 -24.44
N ASP B 322 30.35 -10.23 -24.48
CA ASP B 322 31.57 -10.56 -25.23
C ASP B 322 31.40 -10.14 -26.69
N GLU B 323 32.45 -9.69 -27.34
CA GLU B 323 32.42 -9.26 -28.71
C GLU B 323 32.08 -10.34 -29.72
N GLU B 324 32.79 -11.46 -29.68
CA GLU B 324 32.63 -12.53 -30.65
C GLU B 324 31.23 -13.12 -30.63
N ASN B 325 30.66 -13.30 -29.45
CA ASN B 325 29.33 -13.88 -29.35
C ASN B 325 28.29 -13.01 -30.04
N ILE B 326 28.31 -11.70 -29.75
CA ILE B 326 27.40 -10.80 -30.41
C ILE B 326 27.60 -10.89 -31.91
N TYR B 327 28.82 -11.02 -32.40
CA TYR B 327 29.13 -11.13 -33.80
C TYR B 327 28.52 -12.36 -34.46
N GLN B 328 28.62 -13.52 -33.81
CA GLN B 328 28.10 -14.75 -34.39
C GLN B 328 26.61 -14.85 -34.28
N LEU B 329 26.08 -14.44 -33.13
CA LEU B 329 24.62 -14.41 -33.00
C LEU B 329 24.05 -13.55 -34.13
N ALA B 330 24.48 -12.30 -34.14
CA ALA B 330 24.03 -11.34 -35.13
C ALA B 330 24.19 -11.89 -36.52
N LYS B 331 25.40 -12.23 -36.91
CA LYS B 331 25.72 -12.84 -38.19
C LYS B 331 24.80 -14.01 -38.51
N GLN B 332 24.52 -14.87 -37.52
CA GLN B 332 23.61 -15.97 -37.67
C GLN B 332 22.24 -15.52 -38.17
N LEU B 333 21.69 -14.48 -37.56
CA LEU B 333 20.42 -13.90 -37.90
C LEU B 333 20.39 -13.37 -39.32
N LEU B 334 21.53 -12.95 -39.86
CA LEU B 334 21.50 -12.45 -41.25
C LEU B 334 21.61 -13.61 -42.25
N THR B 335 22.47 -14.58 -41.98
CA THR B 335 22.70 -15.70 -42.84
C THR B 335 21.68 -16.83 -42.72
N ASP B 336 21.47 -17.41 -41.56
CA ASP B 336 20.54 -18.52 -41.39
C ASP B 336 19.09 -18.11 -41.38
N PRO B 337 18.34 -18.38 -42.45
CA PRO B 337 16.91 -18.03 -42.49
C PRO B 337 16.05 -18.83 -41.54
N ASP B 338 16.40 -20.09 -41.29
CA ASP B 338 15.55 -20.92 -40.42
C ASP B 338 15.55 -20.27 -39.03
N GLU B 339 16.76 -20.17 -38.49
CA GLU B 339 16.98 -19.52 -37.19
C GLU B 339 16.16 -18.25 -37.11
N TYR B 340 16.40 -17.34 -38.02
CA TYR B 340 15.64 -16.11 -38.12
C TYR B 340 14.13 -16.37 -38.04
N LYS B 341 13.57 -17.08 -39.00
CA LYS B 341 12.15 -17.39 -39.05
C LYS B 341 11.65 -17.84 -37.68
N LYS B 342 12.40 -18.76 -37.06
CA LYS B 342 12.02 -19.21 -35.74
C LYS B 342 11.72 -18.01 -34.84
N MSE B 343 12.70 -17.13 -34.66
CA MSE B 343 12.49 -15.98 -33.79
C MSE B 343 11.30 -15.16 -34.23
O MSE B 343 10.26 -15.08 -33.59
CB MSE B 343 13.73 -15.09 -33.69
CG MSE B 343 15.05 -15.83 -33.53
SE MSE B 343 16.16 -15.03 -32.18
CE MSE B 343 17.81 -14.93 -33.07
N SER B 344 11.41 -14.62 -35.43
CA SER B 344 10.47 -13.75 -36.08
C SER B 344 9.06 -14.25 -36.10
N GLN B 345 8.84 -15.53 -35.83
CA GLN B 345 7.53 -16.13 -35.87
C GLN B 345 7.10 -16.68 -34.53
N ALA B 346 7.84 -16.44 -33.47
CA ALA B 346 7.46 -16.95 -32.15
C ALA B 346 6.31 -16.13 -31.59
N SER B 347 5.62 -16.67 -30.58
CA SER B 347 4.48 -15.96 -30.00
C SER B 347 4.85 -15.04 -28.88
N ASN B 348 4.48 -13.76 -28.96
CA ASN B 348 4.90 -12.81 -27.92
C ASN B 348 4.17 -13.15 -26.64
N PRO B 349 4.92 -13.66 -25.68
CA PRO B 349 4.42 -14.03 -24.37
C PRO B 349 3.70 -12.90 -23.64
N TYR B 350 4.08 -11.64 -23.93
CA TYR B 350 3.61 -10.51 -23.16
C TYR B 350 2.32 -9.87 -23.55
N GLY B 351 1.66 -10.34 -24.62
CA GLY B 351 0.39 -9.79 -25.03
C GLY B 351 0.19 -9.93 -26.53
N ASP B 352 -1.02 -9.73 -27.00
CA ASP B 352 -1.43 -9.75 -28.36
C ASP B 352 -2.24 -8.54 -28.80
N GLY B 353 -1.97 -7.32 -28.40
CA GLY B 353 -2.70 -6.14 -28.79
C GLY B 353 -4.16 -6.14 -28.42
N GLU B 354 -4.59 -6.96 -27.48
CA GLU B 354 -5.97 -7.02 -27.07
C GLU B 354 -6.18 -6.64 -25.61
N ALA B 355 -5.15 -6.21 -24.92
CA ALA B 355 -5.19 -5.86 -23.52
C ALA B 355 -6.27 -4.85 -23.23
N SER B 356 -6.27 -3.73 -23.98
CA SER B 356 -7.26 -2.69 -23.72
C SER B 356 -8.66 -3.22 -23.80
N ARG B 357 -8.94 -3.98 -24.85
CA ARG B 357 -10.28 -4.52 -25.04
C ARG B 357 -10.72 -5.42 -23.90
N ARG B 358 -9.80 -6.29 -23.50
CA ARG B 358 -10.05 -7.20 -22.38
C ARG B 358 -10.39 -6.42 -21.10
N ILE B 359 -9.64 -5.34 -20.86
CA ILE B 359 -9.79 -4.47 -19.73
C ILE B 359 -11.20 -3.90 -19.71
N VAL B 360 -11.71 -3.43 -20.85
CA VAL B 360 -13.00 -2.74 -20.87
C VAL B 360 -14.20 -3.64 -20.81
N GLU B 361 -14.10 -4.82 -21.48
CA GLU B 361 -15.21 -5.76 -21.36
C GLU B 361 -15.32 -6.17 -19.89
N GLU B 362 -14.16 -6.25 -19.22
CA GLU B 362 -14.14 -6.55 -17.80
C GLU B 362 -14.96 -5.55 -16.99
N LEU B 363 -14.74 -4.25 -17.14
CA LEU B 363 -15.47 -3.20 -16.45
C LEU B 363 -16.95 -3.33 -16.77
N LEU B 364 -17.25 -3.56 -18.08
CA LEU B 364 -18.63 -3.69 -18.51
C LEU B 364 -19.27 -4.92 -17.88
N PHE B 365 -18.46 -5.93 -17.56
CA PHE B 365 -18.99 -7.11 -16.88
C PHE B 365 -19.18 -6.85 -15.38
N HIS B 366 -18.16 -6.28 -14.77
CA HIS B 366 -18.18 -5.98 -13.36
C HIS B 366 -19.36 -5.10 -12.99
N TYR B 367 -19.71 -4.14 -13.85
CA TYR B 367 -20.81 -3.25 -13.47
C TYR B 367 -22.15 -3.61 -14.04
N GLY B 368 -22.34 -4.84 -14.51
CA GLY B 368 -23.61 -5.26 -14.99
C GLY B 368 -23.99 -4.85 -16.38
N TYR B 369 -23.11 -4.30 -17.19
CA TYR B 369 -23.53 -3.88 -18.53
C TYR B 369 -23.58 -5.09 -19.45
N ARG B 370 -22.76 -6.10 -19.12
CA ARG B 370 -22.69 -7.32 -19.93
C ARG B 370 -22.78 -8.57 -19.07
N LYS B 371 -23.29 -9.64 -19.67
CA LYS B 371 -23.46 -10.90 -19.00
C LYS B 371 -22.24 -11.82 -19.07
N GLU B 372 -21.41 -11.61 -20.08
CA GLU B 372 -20.24 -12.32 -20.47
C GLU B 372 -18.93 -11.62 -20.14
N GLN B 373 -17.86 -12.41 -20.05
CA GLN B 373 -16.53 -11.93 -19.71
C GLN B 373 -15.58 -12.20 -20.88
N PRO B 374 -14.56 -11.37 -21.04
CA PRO B 374 -13.61 -11.51 -22.12
C PRO B 374 -12.66 -12.67 -21.94
N ASP B 375 -12.17 -13.21 -23.07
CA ASP B 375 -11.17 -14.28 -22.95
C ASP B 375 -10.01 -13.72 -22.15
N SER B 376 -9.48 -14.46 -21.19
CA SER B 376 -8.31 -13.92 -20.45
C SER B 376 -7.11 -14.15 -21.37
N PHE B 377 -6.07 -13.38 -21.28
CA PHE B 377 -4.90 -13.55 -22.15
C PHE B 377 -4.08 -14.81 -21.81
N THR B 378 -4.02 -15.70 -22.77
CA THR B 378 -3.30 -16.96 -22.74
C THR B 378 -1.87 -16.71 -23.24
N GLY B 379 -1.76 -16.35 -24.51
CA GLY B 379 -0.51 -16.05 -25.16
C GLY B 379 0.44 -17.25 -25.10
#